data_9JJX
#
_entry.id   9JJX
#
_cell.length_a   39.390
_cell.length_b   48.387
_cell.length_c   124.029
_cell.angle_alpha   96.44
_cell.angle_beta   96.25
_cell.angle_gamma   90.42
#
_symmetry.space_group_name_H-M   'P 1'
#
loop_
_entity.id
_entity.type
_entity.pdbx_description
1 polymer 'LOC432253 protein'
2 non-polymer "GUANOSINE-5'-DIPHOSPHATE"
3 non-polymer '(2S)-2-hydroxybutanedioic acid'
4 water water
#
_entity_poly.entity_id   1
_entity_poly.type   'polypeptide(L)'
_entity_poly.pdbx_seq_one_letter_code
;AEPDHPIQLVWTDVNGRLSLDLSGAHDCFLNTRYSNYPVFILCIIGEKRRGKSFLMNYIMRALRSMEMDEEISLGADDEP
LKGFKWSPGTETTTKGIWMWNRPFLLNHKGGKIAVFLLDTEGSLDIESDRETCIKLSALSLFISSHLIFNVASNLKETEL
DYMEMYMNMGEECGPKNLQHLDILVRDWYHSKKWDRDVARSYISREIEKLEKLNSYPKVLWSLKSNQTRCFLLPHPGKGI
TGESEGRLQDMDEDFQESLRSYVSKVVKGICTHIKTNIDGELLTSAHVFSMLQEFTEVLNLQIYGFSSPMEMFYAIKNQK
LMGEIENEFQDFLKNQSSLTLPPTMRVKVSQKFSELLEKFMQFVQGSNTSSHDAMLKDLEVRLLEIQEKFCNDFTTRFT
;
_entity_poly.pdbx_strand_id   A,B
#
loop_
_chem_comp.id
_chem_comp.type
_chem_comp.name
_chem_comp.formula
GDP RNA linking GUANOSINE-5'-DIPHOSPHATE 'C10 H15 N5 O11 P2'
LMR non-polymer '(2S)-2-hydroxybutanedioic acid' 'C4 H6 O5'
#
# COMPACT_ATOMS: atom_id res chain seq x y z
N PRO A 3 62.27 -7.77 -9.57
CA PRO A 3 62.51 -7.30 -8.20
C PRO A 3 61.24 -7.33 -7.35
N ASP A 4 60.97 -8.49 -6.75
CA ASP A 4 59.76 -8.65 -5.94
C ASP A 4 59.64 -7.52 -4.92
N HIS A 5 58.48 -6.89 -4.88
CA HIS A 5 58.24 -5.71 -4.06
C HIS A 5 56.80 -5.72 -3.59
N PRO A 6 56.48 -4.95 -2.55
CA PRO A 6 55.10 -4.82 -2.12
C PRO A 6 54.33 -3.86 -3.02
N ILE A 7 53.04 -4.18 -3.22
CA ILE A 7 52.17 -3.38 -4.07
C ILE A 7 50.89 -3.08 -3.32
N GLN A 8 50.41 -1.85 -3.45
CA GLN A 8 49.16 -1.43 -2.82
C GLN A 8 48.00 -1.75 -3.75
N LEU A 9 47.08 -2.61 -3.28
CA LEU A 9 45.98 -3.08 -4.12
C LEU A 9 44.74 -2.19 -4.01
N VAL A 10 44.29 -1.93 -2.80
CA VAL A 10 43.08 -1.14 -2.56
C VAL A 10 43.42 0.02 -1.64
N TRP A 11 43.03 1.22 -2.04
CA TRP A 11 43.11 2.38 -1.17
C TRP A 11 41.75 3.06 -1.08
N THR A 12 41.65 4.03 -0.18
CA THR A 12 40.41 4.75 0.06
C THR A 12 40.60 6.20 -0.42
N ASP A 13 39.77 6.61 -1.38
CA ASP A 13 39.84 7.96 -1.90
C ASP A 13 39.39 8.95 -0.82
N VAL A 14 39.51 10.25 -1.14
CA VAL A 14 39.11 11.28 -0.20
C VAL A 14 37.60 11.22 0.05
N ASN A 15 36.82 10.86 -0.97
CA ASN A 15 35.37 10.81 -0.86
C ASN A 15 34.86 9.53 -0.22
N GLY A 16 35.76 8.59 0.11
CA GLY A 16 35.37 7.35 0.75
C GLY A 16 35.22 6.17 -0.19
N ARG A 17 35.30 6.38 -1.50
CA ARG A 17 35.21 5.29 -2.45
C ARG A 17 36.45 4.40 -2.35
N LEU A 18 36.24 3.10 -2.56
CA LEU A 18 37.32 2.12 -2.53
C LEU A 18 37.88 1.93 -3.93
N SER A 19 39.16 2.26 -4.11
CA SER A 19 39.81 2.21 -5.41
C SER A 19 40.79 1.05 -5.46
N LEU A 20 40.85 0.40 -6.62
CA LEU A 20 41.63 -0.81 -6.83
C LEU A 20 42.66 -0.57 -7.93
N ASP A 21 43.84 -1.17 -7.76
CA ASP A 21 44.87 -1.14 -8.80
C ASP A 21 44.56 -2.26 -9.79
N LEU A 22 43.80 -1.92 -10.83
CA LEU A 22 43.37 -2.93 -11.79
C LEU A 22 44.57 -3.57 -12.49
N SER A 23 45.51 -2.74 -12.95
CA SER A 23 46.67 -3.27 -13.67
C SER A 23 47.54 -4.14 -12.77
N GLY A 24 47.78 -3.69 -11.54
CA GLY A 24 48.59 -4.48 -10.63
C GLY A 24 47.94 -5.80 -10.26
N ALA A 25 46.65 -5.77 -9.97
CA ALA A 25 45.93 -7.01 -9.66
C ALA A 25 45.90 -7.95 -10.86
N HIS A 26 45.80 -7.40 -12.07
CA HIS A 26 45.86 -8.24 -13.26
C HIS A 26 47.23 -8.89 -13.40
N ASP A 27 48.30 -8.11 -13.19
CA ASP A 27 49.64 -8.65 -13.31
C ASP A 27 49.94 -9.68 -12.22
N CYS A 28 49.30 -9.56 -11.07
CA CYS A 28 49.59 -10.44 -9.94
C CYS A 28 48.75 -11.71 -9.95
N PHE A 29 47.44 -11.58 -10.17
CA PHE A 29 46.52 -12.71 -10.04
C PHE A 29 46.26 -13.43 -11.36
N LEU A 30 46.59 -12.81 -12.50
CA LEU A 30 46.21 -13.37 -13.80
C LEU A 30 47.42 -13.66 -14.68
N ASN A 31 48.62 -13.78 -14.11
CA ASN A 31 49.75 -14.25 -14.88
C ASN A 31 49.50 -15.67 -15.37
N THR A 32 49.82 -15.92 -16.65
CA THR A 32 49.53 -17.22 -17.24
C THR A 32 50.19 -18.37 -16.50
N ARG A 33 51.19 -18.08 -15.66
CA ARG A 33 51.91 -19.16 -14.97
C ARG A 33 51.05 -19.83 -13.91
N TYR A 34 50.36 -19.02 -13.09
CA TYR A 34 49.66 -19.55 -11.92
C TYR A 34 48.19 -19.14 -11.90
N SER A 35 47.61 -18.81 -13.06
CA SER A 35 46.23 -18.34 -13.08
C SER A 35 45.25 -19.41 -12.59
N ASN A 36 45.55 -20.69 -12.86
CA ASN A 36 44.65 -21.79 -12.51
C ASN A 36 45.17 -22.66 -11.38
N TYR A 37 46.34 -22.36 -10.82
CA TYR A 37 46.78 -23.07 -9.64
C TYR A 37 45.90 -22.70 -8.45
N PRO A 38 45.52 -23.65 -7.60
CA PRO A 38 44.78 -23.31 -6.39
C PRO A 38 45.53 -22.25 -5.59
N VAL A 39 44.80 -21.24 -5.13
CA VAL A 39 45.38 -20.08 -4.48
C VAL A 39 45.09 -20.12 -2.99
N PHE A 40 45.98 -19.49 -2.21
CA PHE A 40 45.82 -19.38 -0.77
C PHE A 40 46.25 -17.97 -0.36
N ILE A 41 45.29 -17.18 0.13
CA ILE A 41 45.54 -15.80 0.53
C ILE A 41 45.68 -15.78 2.05
N LEU A 42 46.85 -15.36 2.53
CA LEU A 42 47.04 -15.20 4.00
C LEU A 42 46.99 -13.71 4.35
N CYS A 43 46.12 -13.32 5.29
CA CYS A 43 45.97 -11.89 5.64
C CYS A 43 46.32 -11.64 7.10
N ILE A 44 46.96 -10.51 7.37
CA ILE A 44 47.26 -10.13 8.78
C ILE A 44 46.48 -8.84 9.07
N ILE A 45 45.55 -8.90 10.01
CA ILE A 45 44.79 -7.70 10.43
C ILE A 45 45.11 -7.45 11.90
N GLY A 46 45.26 -6.19 12.27
CA GLY A 46 45.48 -5.88 13.69
C GLY A 46 45.80 -4.42 13.92
N GLU A 47 46.26 -4.11 15.13
CA GLU A 47 46.65 -2.73 15.45
C GLU A 47 48.05 -2.49 14.91
N LYS A 48 48.40 -1.25 14.63
CA LYS A 48 49.69 -0.86 14.11
C LYS A 48 50.75 -0.92 15.21
N ARG A 49 52.00 -1.07 14.80
CA ARG A 49 53.14 -1.08 15.72
C ARG A 49 53.06 -2.28 16.67
N ARG A 50 52.60 -3.42 16.15
CA ARG A 50 52.50 -4.63 16.94
C ARG A 50 53.22 -5.82 16.31
N GLY A 51 53.80 -5.67 15.12
CA GLY A 51 54.59 -6.70 14.51
C GLY A 51 53.93 -7.49 13.40
N LYS A 52 52.91 -6.93 12.74
CA LYS A 52 52.24 -7.66 11.65
C LYS A 52 53.18 -7.84 10.46
N SER A 53 53.77 -6.74 9.98
CA SER A 53 54.69 -6.83 8.85
C SER A 53 55.91 -7.69 9.20
N PHE A 54 56.36 -7.62 10.44
CA PHE A 54 57.49 -8.44 10.88
C PHE A 54 57.18 -9.93 10.72
N LEU A 55 56.05 -10.38 11.26
CA LEU A 55 55.65 -11.77 11.14
C LEU A 55 55.42 -12.15 9.68
N MET A 56 54.87 -11.22 8.88
CA MET A 56 54.66 -11.52 7.47
C MET A 56 55.98 -11.72 6.74
N ASN A 57 57.00 -10.94 7.09
CA ASN A 57 58.31 -11.09 6.45
C ASN A 57 58.95 -12.42 6.82
N TYR A 58 58.81 -12.84 8.07
CA TYR A 58 59.37 -14.14 8.43
C TYR A 58 58.60 -15.28 7.79
N ILE A 59 57.26 -15.18 7.75
CA ILE A 59 56.46 -16.17 7.04
C ILE A 59 56.86 -16.22 5.57
N MET A 60 57.22 -15.06 4.99
CA MET A 60 57.69 -15.00 3.62
C MET A 60 58.99 -15.77 3.44
N ARG A 61 59.95 -15.56 4.34
CA ARG A 61 61.21 -16.29 4.25
C ARG A 61 60.98 -17.79 4.34
N ALA A 62 60.09 -18.20 5.25
CA ALA A 62 59.75 -19.62 5.35
C ALA A 62 59.13 -20.13 4.05
N LEU A 63 58.28 -19.33 3.42
CA LEU A 63 57.66 -19.73 2.16
C LEU A 63 58.70 -19.85 1.05
N ARG A 64 59.69 -18.96 1.04
CA ARG A 64 60.79 -19.07 0.09
C ARG A 64 61.53 -20.40 0.27
N SER A 65 61.87 -20.72 1.52
CA SER A 65 62.51 -21.99 1.81
C SER A 65 61.67 -23.15 1.29
N MET A 66 60.36 -23.13 1.56
CA MET A 66 59.50 -24.23 1.12
C MET A 66 59.43 -24.29 -0.41
N GLU A 67 59.45 -23.13 -1.07
CA GLU A 67 59.37 -23.11 -2.53
C GLU A 67 60.62 -23.70 -3.17
N MET A 68 61.80 -23.33 -2.66
CA MET A 68 63.04 -23.83 -3.26
C MET A 68 63.18 -25.33 -3.05
N ASP A 69 63.10 -25.80 -1.80
CA ASP A 69 63.25 -27.21 -1.51
C ASP A 69 62.06 -27.76 -0.73
N GLU A 70 62.28 -28.11 0.54
CA GLU A 70 61.20 -28.70 1.34
C GLU A 70 61.33 -28.43 2.83
N GLU A 71 62.40 -27.79 3.30
CA GLU A 71 62.60 -27.55 4.71
C GLU A 71 62.41 -26.07 5.04
N ILE A 72 61.76 -25.80 6.17
CA ILE A 72 61.55 -24.44 6.63
C ILE A 72 62.81 -23.98 7.37
N SER A 73 63.49 -22.97 6.85
CA SER A 73 64.72 -22.49 7.45
C SER A 73 64.78 -20.97 7.37
N LEU A 74 65.42 -20.37 8.38
CA LEU A 74 65.65 -18.93 8.44
C LEU A 74 67.02 -18.69 9.04
N GLY A 75 67.84 -17.89 8.34
CA GLY A 75 69.21 -17.68 8.77
C GLY A 75 69.34 -16.75 9.97
N ALA A 76 70.43 -16.96 10.72
CA ALA A 76 70.58 -16.32 12.03
C ALA A 76 70.96 -14.83 11.95
N ASP A 77 71.59 -14.39 10.87
CA ASP A 77 72.05 -13.01 10.78
C ASP A 77 71.47 -12.27 9.58
N ASP A 78 70.47 -12.81 8.92
CA ASP A 78 69.98 -12.20 7.68
C ASP A 78 69.11 -10.99 7.98
N GLU A 79 69.26 -9.95 7.17
CA GLU A 79 68.42 -8.75 7.30
C GLU A 79 67.01 -8.99 6.79
N PRO A 80 66.07 -8.08 7.06
CA PRO A 80 64.66 -8.32 6.72
C PRO A 80 64.29 -7.99 5.30
N LEU A 81 62.96 -7.98 5.03
CA LEU A 81 62.41 -7.74 3.70
C LEU A 81 60.95 -7.35 3.82
N LYS A 82 60.57 -6.22 3.21
CA LYS A 82 59.18 -5.76 3.17
C LYS A 82 58.71 -5.24 4.54
N GLY A 83 57.79 -4.28 4.52
CA GLY A 83 57.17 -3.84 5.75
C GLY A 83 58.04 -2.85 6.50
N PHE A 84 58.17 -3.06 7.81
CA PHE A 84 58.97 -2.20 8.66
C PHE A 84 60.26 -2.87 9.11
N LYS A 85 60.19 -4.12 9.56
CA LYS A 85 61.36 -4.90 9.92
C LYS A 85 62.50 -4.60 8.93
N TRP A 86 62.15 -4.37 7.67
CA TRP A 86 63.06 -3.90 6.63
C TRP A 86 62.49 -2.68 5.92
N SER A 87 62.03 -1.70 6.68
CA SER A 87 61.56 -0.47 6.06
C SER A 87 62.74 0.21 5.35
N PRO A 88 62.55 0.67 4.12
CA PRO A 88 63.69 1.21 3.36
C PRO A 88 64.37 2.33 4.15
N GLY A 89 65.71 2.28 4.17
CA GLY A 89 66.49 3.29 4.87
C GLY A 89 65.98 4.70 4.68
N THR A 90 65.39 5.27 5.74
CA THR A 90 64.82 6.61 5.75
C THR A 90 63.45 6.68 5.09
N GLU A 91 62.75 5.55 4.99
CA GLU A 91 61.42 5.51 4.43
C GLU A 91 60.49 4.73 5.35
N THR A 92 59.19 4.94 5.19
CA THR A 92 58.18 4.20 5.94
C THR A 92 57.06 3.82 4.97
N THR A 93 55.87 3.51 5.50
CA THR A 93 54.84 2.82 4.74
C THR A 93 53.52 3.58 4.80
N THR A 94 52.64 3.27 3.83
CA THR A 94 51.33 3.87 3.67
C THR A 94 50.26 2.95 4.27
N LYS A 95 49.02 3.42 4.29
CA LYS A 95 47.89 2.68 4.84
C LYS A 95 46.99 2.14 3.74
N GLY A 96 46.44 0.95 3.96
CA GLY A 96 45.57 0.31 2.99
C GLY A 96 45.76 -1.19 2.94
N ILE A 97 45.48 -1.79 1.79
CA ILE A 97 45.72 -3.22 1.57
C ILE A 97 46.98 -3.35 0.72
N TRP A 98 47.99 -4.07 1.23
CA TRP A 98 49.21 -4.31 0.50
C TRP A 98 49.40 -5.80 0.30
N MET A 99 50.08 -6.17 -0.77
CA MET A 99 50.27 -7.57 -1.10
C MET A 99 51.65 -7.75 -1.72
N TRP A 100 52.18 -8.97 -1.60
CA TRP A 100 53.42 -9.29 -2.29
C TRP A 100 53.14 -9.53 -3.77
N ASN A 101 53.88 -8.83 -4.63
CA ASN A 101 53.58 -8.87 -6.07
C ASN A 101 53.67 -10.27 -6.63
N ARG A 102 54.56 -11.10 -6.11
CA ARG A 102 54.79 -12.44 -6.64
C ARG A 102 54.27 -13.49 -5.67
N PRO A 103 53.49 -14.46 -6.14
CA PRO A 103 53.03 -15.53 -5.24
C PRO A 103 54.16 -16.48 -4.90
N PHE A 104 53.90 -17.35 -3.95
CA PHE A 104 54.84 -18.39 -3.53
C PHE A 104 54.23 -19.75 -3.85
N LEU A 105 54.93 -20.52 -4.67
CA LEU A 105 54.41 -21.78 -5.21
C LEU A 105 54.89 -22.93 -4.35
N LEU A 106 53.95 -23.59 -3.67
CA LEU A 106 54.22 -24.76 -2.84
C LEU A 106 53.68 -26.02 -3.51
N ASN A 107 54.08 -27.17 -2.99
CA ASN A 107 53.72 -28.46 -3.57
C ASN A 107 52.75 -29.18 -2.64
N HIS A 108 51.60 -29.58 -3.18
CA HIS A 108 50.59 -30.29 -2.41
C HIS A 108 49.92 -31.32 -3.31
N LYS A 109 50.13 -32.60 -3.01
CA LYS A 109 49.44 -33.71 -3.66
C LYS A 109 49.41 -33.54 -5.19
N GLY A 110 50.58 -33.27 -5.76
CA GLY A 110 50.73 -33.20 -7.20
C GLY A 110 50.41 -31.87 -7.84
N GLY A 111 50.01 -30.87 -7.06
CA GLY A 111 49.69 -29.56 -7.58
C GLY A 111 50.52 -28.47 -6.93
N LYS A 112 50.48 -27.29 -7.53
CA LYS A 112 51.16 -26.11 -7.01
C LYS A 112 50.14 -25.15 -6.41
N ILE A 113 50.38 -24.77 -5.16
CA ILE A 113 49.55 -23.78 -4.46
C ILE A 113 50.25 -22.43 -4.56
N ALA A 114 49.52 -21.43 -5.06
CA ALA A 114 50.03 -20.06 -5.13
C ALA A 114 49.66 -19.35 -3.84
N VAL A 115 50.65 -19.06 -3.01
CA VAL A 115 50.44 -18.45 -1.71
C VAL A 115 50.69 -16.96 -1.83
N PHE A 116 49.64 -16.15 -1.64
CA PHE A 116 49.73 -14.70 -1.64
C PHE A 116 49.73 -14.19 -0.21
N LEU A 117 50.58 -13.20 0.05
CA LEU A 117 50.72 -12.59 1.37
C LEU A 117 50.12 -11.18 1.31
N LEU A 118 49.15 -10.92 2.20
CA LEU A 118 48.36 -9.70 2.24
C LEU A 118 48.48 -9.09 3.62
N ASP A 119 49.03 -7.88 3.67
CA ASP A 119 49.18 -7.12 4.90
C ASP A 119 48.16 -5.99 4.89
N THR A 120 47.40 -5.85 5.98
CA THR A 120 46.39 -4.79 6.05
C THR A 120 46.90 -3.66 6.94
N GLU A 121 47.91 -2.96 6.41
CA GLU A 121 48.47 -1.78 7.07
C GLU A 121 47.41 -0.70 7.09
N GLY A 122 46.75 -0.53 8.24
CA GLY A 122 45.70 0.45 8.36
C GLY A 122 44.33 -0.18 8.53
N SER A 123 43.90 -0.32 9.78
CA SER A 123 42.62 -0.93 10.11
C SER A 123 42.41 -0.78 11.61
N LEU A 124 41.25 -1.21 12.09
CA LEU A 124 40.94 -1.20 13.52
C LEU A 124 41.13 0.19 14.12
N ASP A 125 40.67 1.20 13.39
CA ASP A 125 40.84 2.57 13.84
C ASP A 125 40.05 2.81 15.13
N ILE A 126 40.29 3.98 15.72
CA ILE A 126 39.52 4.43 16.88
C ILE A 126 38.29 5.17 16.37
N GLU A 127 38.50 6.31 15.67
CA GLU A 127 37.39 6.97 15.00
C GLU A 127 37.83 7.72 13.74
N SER A 128 38.96 7.33 13.13
CA SER A 128 39.51 7.99 11.95
C SER A 128 38.94 7.31 10.72
N ASP A 129 37.83 7.86 10.23
CA ASP A 129 37.09 7.35 9.08
C ASP A 129 36.72 5.87 9.27
N ARG A 130 35.73 5.66 10.14
CA ARG A 130 35.44 4.30 10.59
C ARG A 130 34.81 3.46 9.49
N GLU A 131 33.85 4.02 8.75
CA GLU A 131 33.18 3.26 7.72
C GLU A 131 34.14 2.80 6.64
N THR A 132 35.06 3.68 6.23
CA THR A 132 36.03 3.32 5.21
C THR A 132 36.99 2.23 5.70
N CYS A 133 37.41 2.30 6.95
CA CYS A 133 38.25 1.24 7.51
C CYS A 133 37.50 -0.09 7.55
N ILE A 134 36.23 -0.05 7.94
CA ILE A 134 35.41 -1.26 7.91
C ILE A 134 35.37 -1.84 6.51
N LYS A 135 35.15 -0.99 5.51
CA LYS A 135 35.05 -1.48 4.14
C LYS A 135 36.37 -2.07 3.66
N LEU A 136 37.49 -1.42 3.97
CA LEU A 136 38.79 -1.93 3.57
C LEU A 136 39.07 -3.28 4.22
N SER A 137 38.89 -3.38 5.54
CA SER A 137 39.14 -4.64 6.22
C SER A 137 38.18 -5.74 5.76
N ALA A 138 36.95 -5.36 5.39
CA ALA A 138 36.02 -6.35 4.85
C ALA A 138 36.47 -6.85 3.49
N LEU A 139 36.98 -5.95 2.64
CA LEU A 139 37.57 -6.37 1.37
C LEU A 139 38.71 -7.35 1.61
N SER A 140 39.53 -7.08 2.62
CA SER A 140 40.62 -8.01 2.95
C SER A 140 40.07 -9.36 3.39
N LEU A 141 39.11 -9.37 4.32
CA LEU A 141 38.55 -10.61 4.83
C LEU A 141 37.76 -11.38 3.78
N PHE A 142 37.32 -10.71 2.72
CA PHE A 142 36.51 -11.38 1.70
C PHE A 142 37.35 -12.30 0.83
N ILE A 143 38.60 -11.93 0.56
CA ILE A 143 39.47 -12.70 -0.33
C ILE A 143 40.46 -13.56 0.46
N SER A 144 40.34 -13.61 1.78
CA SER A 144 41.29 -14.33 2.62
C SER A 144 40.83 -15.77 2.84
N SER A 145 41.79 -16.69 2.78
CA SER A 145 41.56 -18.08 3.15
C SER A 145 42.02 -18.38 4.57
N HIS A 146 42.97 -17.62 5.09
CA HIS A 146 43.40 -17.72 6.49
C HIS A 146 43.73 -16.33 6.98
N LEU A 147 43.05 -15.90 8.05
CA LEU A 147 43.21 -14.57 8.60
C LEU A 147 43.90 -14.65 9.96
N ILE A 148 45.01 -13.92 10.10
CA ILE A 148 45.73 -13.82 11.36
C ILE A 148 45.39 -12.48 11.99
N PHE A 149 44.71 -12.51 13.12
CA PHE A 149 44.36 -11.30 13.86
C PHE A 149 45.44 -11.05 14.91
N ASN A 150 46.29 -10.06 14.67
CA ASN A 150 47.39 -9.73 15.57
C ASN A 150 46.84 -8.85 16.69
N VAL A 151 46.64 -9.44 17.86
CA VAL A 151 46.11 -8.74 19.02
C VAL A 151 47.23 -8.53 20.04
N ALA A 152 46.99 -7.61 20.97
CA ALA A 152 47.97 -7.26 21.98
C ALA A 152 47.49 -7.50 23.41
N SER A 153 46.25 -7.96 23.60
CA SER A 153 45.73 -8.22 24.93
C SER A 153 44.46 -9.06 24.83
N ASN A 154 43.56 -8.91 25.80
CA ASN A 154 42.26 -9.55 25.70
C ASN A 154 41.47 -8.94 24.55
N LEU A 155 40.59 -9.74 23.95
CA LEU A 155 39.89 -9.31 22.75
C LEU A 155 38.92 -8.19 23.06
N LYS A 156 38.93 -7.15 22.22
CA LYS A 156 38.06 -6.01 22.36
C LYS A 156 36.84 -6.14 21.44
N GLU A 157 35.77 -5.44 21.80
CA GLU A 157 34.52 -5.54 21.05
C GLU A 157 34.74 -5.29 19.56
N THR A 158 35.54 -4.29 19.21
CA THR A 158 35.84 -4.02 17.80
C THR A 158 36.43 -5.24 17.12
N GLU A 159 37.43 -5.85 17.77
CA GLU A 159 38.10 -7.00 17.18
C GLU A 159 37.15 -8.19 17.09
N LEU A 160 36.35 -8.42 18.12
CA LEU A 160 35.42 -9.54 18.09
C LEU A 160 34.36 -9.36 17.01
N ASP A 161 33.96 -8.12 16.74
CA ASP A 161 33.02 -7.86 15.65
C ASP A 161 33.66 -8.14 14.29
N TYR A 162 34.90 -7.67 14.10
CA TYR A 162 35.62 -8.01 12.87
C TYR A 162 35.69 -9.51 12.69
N MET A 163 35.96 -10.24 13.77
CA MET A 163 36.07 -11.70 13.67
C MET A 163 34.73 -12.35 13.30
N GLU A 164 33.65 -11.89 13.93
CA GLU A 164 32.33 -12.41 13.56
C GLU A 164 32.03 -12.16 12.09
N MET A 165 32.43 -10.98 11.58
CA MET A 165 32.21 -10.71 10.17
C MET A 165 33.01 -11.66 9.29
N TYR A 166 34.27 -11.92 9.66
CA TYR A 166 35.04 -12.89 8.89
C TYR A 166 34.37 -14.26 8.93
N MET A 167 33.83 -14.65 10.08
CA MET A 167 33.13 -15.92 10.20
C MET A 167 31.92 -15.97 9.26
N ASN A 168 31.22 -14.84 9.12
CA ASN A 168 30.01 -14.82 8.31
C ASN A 168 30.26 -14.65 6.82
N MET A 169 31.42 -14.13 6.43
CA MET A 169 31.70 -13.85 5.02
C MET A 169 32.21 -15.06 4.25
N GLY A 170 31.96 -16.27 4.74
CA GLY A 170 32.34 -17.47 4.02
C GLY A 170 31.18 -18.40 3.85
N GLU A 171 29.97 -17.88 4.13
CA GLU A 171 28.78 -18.72 4.14
C GLU A 171 28.39 -19.14 2.74
N GLU A 172 28.55 -18.26 1.75
CA GLU A 172 28.30 -18.65 0.36
C GLU A 172 29.57 -18.49 -0.48
N CYS A 173 30.69 -18.91 0.06
CA CYS A 173 31.94 -18.99 -0.69
C CYS A 173 32.34 -20.41 -1.05
N GLY A 174 31.60 -21.40 -0.56
CA GLY A 174 31.85 -22.79 -0.87
C GLY A 174 30.76 -23.68 -0.33
N PRO A 175 30.89 -25.00 -0.53
CA PRO A 175 29.88 -25.92 0.01
C PRO A 175 29.96 -26.05 1.52
N LYS A 176 31.11 -26.51 2.01
CA LYS A 176 31.39 -26.62 3.44
C LYS A 176 32.68 -25.87 3.75
N ASN A 177 32.65 -24.56 3.55
CA ASN A 177 33.82 -23.73 3.82
C ASN A 177 33.97 -23.47 5.30
N LEU A 178 35.17 -23.71 5.83
CA LEU A 178 35.50 -23.41 7.22
C LEU A 178 36.45 -22.21 7.22
N GLN A 179 36.02 -21.11 7.84
CA GLN A 179 36.82 -19.90 7.88
C GLN A 179 37.87 -20.02 8.98
N HIS A 180 39.12 -20.21 8.58
CA HIS A 180 40.22 -20.43 9.52
C HIS A 180 40.77 -19.11 10.03
N LEU A 181 40.88 -18.99 11.35
CA LEU A 181 41.34 -17.76 11.98
C LEU A 181 42.36 -18.08 13.06
N ASP A 182 43.43 -17.29 13.09
CA ASP A 182 44.52 -17.43 14.06
C ASP A 182 44.64 -16.13 14.82
N ILE A 183 44.28 -16.18 16.10
CA ILE A 183 44.42 -15.04 17.01
C ILE A 183 45.84 -15.06 17.57
N LEU A 184 46.67 -14.12 17.11
CA LEU A 184 48.05 -14.03 17.57
C LEU A 184 48.14 -12.94 18.65
N VAL A 185 48.33 -13.37 19.89
CA VAL A 185 48.48 -12.45 21.01
C VAL A 185 49.96 -12.13 21.16
N ARG A 186 50.29 -10.85 21.13
CA ARG A 186 51.67 -10.39 21.19
C ARG A 186 52.01 -9.85 22.56
N ASP A 187 53.25 -10.07 22.99
CA ASP A 187 53.77 -9.54 24.26
C ASP A 187 52.90 -9.97 25.44
N TRP A 188 52.40 -11.21 25.40
CA TRP A 188 51.57 -11.70 26.49
C TRP A 188 52.40 -12.10 27.70
N TYR A 189 53.65 -12.52 27.50
CA TYR A 189 54.50 -12.94 28.60
C TYR A 189 55.95 -12.64 28.24
N HIS A 190 56.82 -12.75 29.25
CA HIS A 190 58.25 -12.50 29.09
C HIS A 190 59.00 -13.77 29.50
N SER A 191 59.91 -14.22 28.64
CA SER A 191 60.65 -15.45 28.87
C SER A 191 59.70 -16.55 29.34
N LYS A 192 59.97 -17.13 30.51
CA LYS A 192 59.07 -18.12 31.09
C LYS A 192 58.93 -19.32 30.18
N LYS A 193 59.69 -19.36 29.08
CA LYS A 193 59.61 -20.42 28.07
C LYS A 193 58.19 -20.46 27.54
N TRP A 194 57.51 -21.61 27.53
CA TRP A 194 56.09 -21.65 27.22
C TRP A 194 55.41 -22.69 28.10
N ASP A 195 54.18 -22.37 28.50
CA ASP A 195 53.29 -23.31 29.18
C ASP A 195 52.00 -23.40 28.38
N ARG A 196 51.54 -24.61 28.11
CA ARG A 196 50.27 -24.80 27.41
C ARG A 196 49.10 -24.39 28.30
N ASP A 197 49.42 -23.86 29.49
CA ASP A 197 48.40 -23.35 30.41
C ASP A 197 48.02 -21.92 30.09
N VAL A 198 48.99 -21.05 29.79
CA VAL A 198 48.69 -19.65 29.50
C VAL A 198 47.71 -19.54 28.33
N ALA A 199 47.91 -20.36 27.30
CA ALA A 199 47.09 -20.24 26.10
C ALA A 199 45.64 -20.64 26.39
N ARG A 200 45.42 -21.84 26.94
CA ARG A 200 44.06 -22.26 27.24
C ARG A 200 43.43 -21.41 28.34
N SER A 201 44.22 -20.74 29.18
CA SER A 201 43.64 -19.80 30.14
C SER A 201 43.11 -18.55 29.43
N TYR A 202 43.90 -17.98 28.53
CA TYR A 202 43.40 -16.91 27.66
C TYR A 202 42.09 -17.33 26.99
N ILE A 203 42.07 -18.56 26.46
CA ILE A 203 40.90 -19.06 25.75
C ILE A 203 39.70 -19.16 26.69
N SER A 204 39.91 -19.68 27.90
CA SER A 204 38.82 -19.83 28.85
C SER A 204 38.23 -18.47 29.19
N ARG A 205 39.09 -17.48 29.44
CA ARG A 205 38.61 -16.13 29.70
C ARG A 205 37.75 -15.63 28.55
N GLU A 206 38.25 -15.76 27.33
CA GLU A 206 37.50 -15.24 26.18
C GLU A 206 36.17 -15.96 26.00
N ILE A 207 36.15 -17.28 26.18
CA ILE A 207 34.93 -18.03 25.96
C ILE A 207 33.91 -17.71 27.04
N GLU A 208 34.35 -17.52 28.29
CA GLU A 208 33.42 -17.09 29.33
C GLU A 208 32.82 -15.74 28.98
N LYS A 209 33.67 -14.78 28.60
CA LYS A 209 33.17 -13.45 28.24
C LYS A 209 32.14 -13.55 27.13
N LEU A 210 32.44 -14.32 26.09
CA LEU A 210 31.53 -14.40 24.94
C LEU A 210 30.24 -15.12 25.29
N GLU A 211 30.34 -16.24 26.03
CA GLU A 211 29.14 -16.95 26.46
C GLU A 211 28.23 -16.06 27.31
N LYS A 212 28.82 -15.14 28.09
CA LYS A 212 27.95 -14.22 28.81
C LYS A 212 27.43 -13.11 27.90
N LEU A 213 28.19 -12.74 26.86
CA LEU A 213 27.76 -11.66 25.99
C LEU A 213 26.48 -12.00 25.23
N ASN A 214 26.26 -13.28 24.95
CA ASN A 214 25.21 -13.71 24.01
C ASN A 214 25.37 -13.00 22.66
N SER A 215 26.58 -12.54 22.38
CA SER A 215 26.92 -11.89 21.12
C SER A 215 28.19 -12.54 20.58
N TYR A 216 28.46 -12.30 19.31
CA TYR A 216 29.58 -12.95 18.65
C TYR A 216 29.45 -14.46 18.82
N PRO A 217 28.41 -15.06 18.25
CA PRO A 217 28.14 -16.49 18.52
C PRO A 217 29.02 -17.43 17.72
N LYS A 218 29.28 -17.08 16.45
CA LYS A 218 30.01 -17.98 15.57
C LYS A 218 31.49 -18.03 15.94
N VAL A 219 32.08 -16.90 16.32
CA VAL A 219 33.45 -16.93 16.85
C VAL A 219 33.50 -17.75 18.13
N LEU A 220 32.43 -17.70 18.93
CA LEU A 220 32.38 -18.51 20.14
C LEU A 220 32.38 -19.99 19.79
N TRP A 221 31.58 -20.39 18.80
CA TRP A 221 31.59 -21.78 18.34
C TRP A 221 32.97 -22.18 17.84
N SER A 222 33.57 -21.32 17.02
CA SER A 222 34.89 -21.63 16.47
C SER A 222 35.92 -21.80 17.59
N LEU A 223 35.83 -20.98 18.63
CA LEU A 223 36.75 -21.13 19.77
C LEU A 223 36.49 -22.44 20.50
N LYS A 224 35.22 -22.75 20.78
CA LYS A 224 34.88 -23.97 21.48
C LYS A 224 34.95 -25.21 20.61
N SER A 225 35.23 -25.07 19.32
CA SER A 225 35.41 -26.20 18.42
C SER A 225 36.84 -26.31 17.91
N ASN A 226 37.78 -25.52 18.45
CA ASN A 226 39.17 -25.51 18.02
C ASN A 226 39.29 -25.28 16.51
N GLN A 227 38.34 -24.55 15.94
CA GLN A 227 38.46 -24.16 14.54
C GLN A 227 39.34 -22.92 14.38
N THR A 228 39.17 -21.94 15.27
CA THR A 228 40.07 -20.81 15.35
C THR A 228 41.08 -21.07 16.47
N ARG A 229 42.35 -20.80 16.20
CA ARG A 229 43.42 -21.14 17.13
C ARG A 229 44.12 -19.88 17.63
N CYS A 230 44.53 -19.92 18.90
CA CYS A 230 45.18 -18.77 19.54
C CYS A 230 46.62 -19.12 19.87
N PHE A 231 47.53 -18.23 19.47
CA PHE A 231 48.97 -18.40 19.63
C PHE A 231 49.50 -17.20 20.40
N LEU A 232 50.20 -17.45 21.50
CA LEU A 232 50.69 -16.39 22.38
C LEU A 232 52.22 -16.43 22.41
N LEU A 233 52.85 -15.45 21.78
CA LEU A 233 54.30 -15.36 21.74
C LEU A 233 54.79 -14.28 22.70
N PRO A 234 56.03 -14.41 23.19
CA PRO A 234 56.51 -13.44 24.19
C PRO A 234 56.87 -12.09 23.59
N HIS A 235 57.52 -11.25 24.39
CA HIS A 235 58.00 -9.98 23.88
C HIS A 235 59.18 -10.20 22.96
N PRO A 236 59.30 -9.44 21.87
CA PRO A 236 60.40 -9.67 20.93
C PRO A 236 61.78 -9.42 21.53
N GLY A 237 61.85 -8.68 22.63
CA GLY A 237 63.13 -8.26 23.17
C GLY A 237 63.59 -6.95 22.55
N LYS A 238 64.42 -6.23 23.31
CA LYS A 238 64.90 -4.94 22.84
C LYS A 238 65.76 -5.04 21.60
N GLY A 239 66.20 -6.24 21.22
CA GLY A 239 66.91 -6.41 19.97
C GLY A 239 66.07 -6.19 18.73
N ILE A 240 64.74 -6.31 18.87
CA ILE A 240 63.81 -6.05 17.80
C ILE A 240 63.11 -4.70 17.99
N THR A 241 62.67 -4.41 19.21
CA THR A 241 62.02 -3.13 19.48
C THR A 241 62.97 -1.98 19.20
N GLY A 242 62.46 -0.96 18.51
CA GLY A 242 63.29 0.14 18.09
C GLY A 242 64.24 -0.27 16.97
N GLU A 243 65.27 0.56 16.80
CA GLU A 243 66.29 0.34 15.80
C GLU A 243 66.73 -1.11 15.76
N SER A 244 66.69 -1.70 14.56
CA SER A 244 67.11 -3.09 14.40
C SER A 244 66.98 -3.56 12.95
N GLU A 245 67.79 -4.54 12.57
CA GLU A 245 67.67 -5.22 11.28
C GLU A 245 66.95 -6.56 11.41
N GLY A 246 65.91 -6.61 12.23
CA GLY A 246 65.05 -7.76 12.39
C GLY A 246 65.71 -9.12 12.26
N ARG A 247 66.88 -9.28 12.85
CA ARG A 247 67.62 -10.53 12.75
C ARG A 247 67.29 -11.45 13.93
N LEU A 248 67.37 -12.76 13.69
CA LEU A 248 67.11 -13.73 14.74
C LEU A 248 68.18 -13.68 15.83
N GLN A 249 69.40 -13.26 15.48
CA GLN A 249 70.40 -12.98 16.50
C GLN A 249 70.03 -11.77 17.34
N ASP A 250 69.12 -10.92 16.83
CA ASP A 250 68.62 -9.77 17.56
C ASP A 250 67.34 -10.05 18.32
N MET A 251 67.00 -11.33 18.51
CA MET A 251 65.73 -11.72 19.09
C MET A 251 65.94 -12.53 20.36
N ASP A 252 64.93 -12.51 21.23
CA ASP A 252 64.93 -13.39 22.40
C ASP A 252 64.71 -14.83 21.96
N GLU A 253 65.52 -15.74 22.49
CA GLU A 253 65.44 -17.12 22.04
C GLU A 253 64.05 -17.72 22.24
N ASP A 254 63.37 -17.33 23.33
CA ASP A 254 61.99 -17.77 23.50
C ASP A 254 61.10 -17.21 22.39
N PHE A 255 61.24 -15.92 22.09
CA PHE A 255 60.51 -15.35 20.96
C PHE A 255 60.90 -16.02 19.65
N GLN A 256 62.20 -16.29 19.47
CA GLN A 256 62.65 -16.97 18.25
C GLN A 256 61.94 -18.31 18.08
N GLU A 257 61.94 -19.13 19.13
CA GLU A 257 61.36 -20.47 19.01
C GLU A 257 59.84 -20.40 18.87
N SER A 258 59.18 -19.49 19.59
CA SER A 258 57.73 -19.37 19.45
C SER A 258 57.36 -18.91 18.05
N LEU A 259 58.11 -17.96 17.49
CA LEU A 259 57.88 -17.53 16.12
C LEU A 259 58.08 -18.67 15.14
N ARG A 260 59.12 -19.48 15.36
CA ARG A 260 59.34 -20.63 14.48
C ARG A 260 58.18 -21.61 14.55
N SER A 261 57.71 -21.91 15.76
CA SER A 261 56.56 -22.80 15.92
C SER A 261 55.33 -22.25 15.20
N TYR A 262 55.05 -20.96 15.35
CA TYR A 262 53.87 -20.37 14.72
C TYR A 262 53.98 -20.37 13.21
N VAL A 263 55.15 -20.00 12.69
CA VAL A 263 55.34 -19.99 11.24
C VAL A 263 55.19 -21.39 10.68
N SER A 264 55.67 -22.40 11.42
CA SER A 264 55.43 -23.78 11.02
C SER A 264 53.94 -24.07 10.96
N LYS A 265 53.21 -23.73 12.03
CA LYS A 265 51.75 -23.86 12.03
C LYS A 265 51.16 -23.30 10.75
N VAL A 266 51.55 -22.07 10.41
CA VAL A 266 50.84 -21.33 9.36
C VAL A 266 51.20 -21.84 7.98
N VAL A 267 52.48 -22.11 7.73
CA VAL A 267 52.92 -22.53 6.39
C VAL A 267 52.81 -24.03 6.18
N LYS A 268 52.44 -24.80 7.21
CA LYS A 268 52.25 -26.23 7.03
C LYS A 268 50.78 -26.63 6.99
N GLY A 269 49.87 -25.72 7.34
CA GLY A 269 48.45 -25.94 7.21
C GLY A 269 47.85 -25.42 5.92
N ILE A 270 48.66 -24.87 5.02
CA ILE A 270 48.13 -24.37 3.75
C ILE A 270 47.62 -25.51 2.90
N CYS A 271 48.47 -26.53 2.68
CA CYS A 271 48.09 -27.65 1.83
C CYS A 271 46.86 -28.37 2.36
N THR A 272 46.74 -28.46 3.69
CA THR A 272 45.66 -29.21 4.32
C THR A 272 44.34 -28.44 4.37
N HIS A 273 44.30 -27.21 3.87
CA HIS A 273 43.09 -26.40 3.95
C HIS A 273 43.00 -25.50 2.70
N ILE A 274 42.66 -26.11 1.58
CA ILE A 274 42.38 -25.37 0.35
C ILE A 274 40.89 -25.07 0.31
N LYS A 275 40.54 -23.92 -0.28
CA LYS A 275 39.17 -23.44 -0.27
C LYS A 275 38.45 -23.82 -1.55
N THR A 276 37.17 -24.17 -1.41
CA THR A 276 36.30 -24.50 -2.54
C THR A 276 35.25 -23.41 -2.71
N ASN A 277 34.89 -23.16 -3.97
CA ASN A 277 33.88 -22.16 -4.28
C ASN A 277 32.49 -22.79 -4.23
N ILE A 278 31.47 -21.98 -4.51
CA ILE A 278 30.11 -22.51 -4.54
C ILE A 278 29.92 -23.47 -5.70
N ASP A 279 30.67 -23.28 -6.79
CA ASP A 279 30.57 -24.18 -7.93
C ASP A 279 31.13 -25.57 -7.63
N GLY A 280 31.91 -25.71 -6.56
CA GLY A 280 32.51 -26.98 -6.21
C GLY A 280 33.97 -27.10 -6.59
N GLU A 281 34.52 -26.13 -7.32
CA GLU A 281 35.91 -26.15 -7.72
C GLU A 281 36.78 -25.43 -6.70
N LEU A 282 38.09 -25.56 -6.86
CA LEU A 282 39.05 -24.91 -5.98
C LEU A 282 39.35 -23.50 -6.48
N LEU A 283 39.52 -22.57 -5.54
CA LEU A 283 39.73 -21.17 -5.89
C LEU A 283 41.09 -20.96 -6.55
N THR A 284 41.12 -20.06 -7.53
CA THR A 284 42.35 -19.69 -8.21
C THR A 284 42.52 -18.17 -8.13
N SER A 285 43.70 -17.70 -8.55
CA SER A 285 44.00 -16.28 -8.42
C SER A 285 43.11 -15.42 -9.31
N ALA A 286 42.72 -15.92 -10.49
CA ALA A 286 41.78 -15.17 -11.32
C ALA A 286 40.44 -15.03 -10.63
N HIS A 287 39.97 -16.12 -10.00
CA HIS A 287 38.76 -16.03 -9.18
C HIS A 287 38.91 -14.94 -8.12
N VAL A 288 40.09 -14.84 -7.50
CA VAL A 288 40.32 -13.84 -6.47
C VAL A 288 40.25 -12.44 -7.04
N PHE A 289 40.83 -12.25 -8.23
CA PHE A 289 40.74 -10.96 -8.92
C PHE A 289 39.28 -10.58 -9.16
N SER A 290 38.49 -11.54 -9.64
CA SER A 290 37.08 -11.26 -9.91
C SER A 290 36.33 -10.91 -8.63
N MET A 291 36.54 -11.69 -7.57
CA MET A 291 35.87 -11.41 -6.30
C MET A 291 36.31 -10.06 -5.74
N LEU A 292 37.58 -9.72 -5.92
CA LEU A 292 38.06 -8.41 -5.50
C LEU A 292 37.27 -7.30 -6.17
N GLN A 293 37.19 -7.34 -7.50
CA GLN A 293 36.41 -6.33 -8.21
C GLN A 293 34.96 -6.31 -7.71
N GLU A 294 34.34 -7.48 -7.62
CA GLU A 294 32.91 -7.56 -7.30
C GLU A 294 32.63 -7.00 -5.91
N PHE A 295 33.39 -7.42 -4.91
CA PHE A 295 33.15 -6.94 -3.55
C PHE A 295 33.55 -5.48 -3.38
N THR A 296 34.57 -5.02 -4.11
CA THR A 296 34.89 -3.60 -4.10
C THR A 296 33.69 -2.78 -4.56
N GLU A 297 33.07 -3.18 -5.67
CA GLU A 297 31.91 -2.44 -6.16
C GLU A 297 30.70 -2.63 -5.25
N VAL A 298 30.57 -3.79 -4.61
CA VAL A 298 29.47 -3.99 -3.68
C VAL A 298 29.60 -3.07 -2.48
N LEU A 299 30.83 -2.90 -1.98
CA LEU A 299 31.05 -2.01 -0.84
C LEU A 299 30.88 -0.55 -1.24
N ASN A 300 31.39 -0.17 -2.42
CA ASN A 300 31.22 1.20 -2.89
C ASN A 300 29.77 1.57 -3.12
N LEU A 301 28.86 0.60 -3.17
CA LEU A 301 27.45 0.85 -3.40
C LEU A 301 26.62 0.75 -2.13
N GLN A 302 27.23 0.49 -0.98
CA GLN A 302 26.51 0.43 0.30
C GLN A 302 26.45 1.85 0.85
N ILE A 303 25.40 2.58 0.47
CA ILE A 303 25.27 3.99 0.85
C ILE A 303 24.53 4.18 2.17
N TYR A 304 24.17 3.09 2.86
CA TYR A 304 23.44 3.20 4.12
C TYR A 304 24.41 3.21 5.29
N GLY A 305 23.92 3.70 6.43
CA GLY A 305 24.78 3.93 7.57
C GLY A 305 25.03 2.66 8.38
N PHE A 306 26.20 2.63 9.02
CA PHE A 306 26.58 1.49 9.85
C PHE A 306 27.69 1.94 10.80
N SER A 307 27.81 1.23 11.92
CA SER A 307 28.82 1.53 12.92
C SER A 307 29.74 0.36 13.23
N SER A 308 29.36 -0.87 12.90
CA SER A 308 30.14 -2.06 13.18
C SER A 308 30.29 -2.89 11.91
N PRO A 309 31.32 -3.74 11.83
CA PRO A 309 31.46 -4.60 10.65
C PRO A 309 30.23 -5.46 10.39
N MET A 310 29.71 -6.12 11.44
CA MET A 310 28.52 -6.94 11.29
C MET A 310 27.37 -6.12 10.72
N GLU A 311 27.29 -4.84 11.09
CA GLU A 311 26.22 -3.99 10.57
C GLU A 311 26.38 -3.77 9.06
N MET A 312 27.61 -3.62 8.58
CA MET A 312 27.81 -3.46 7.15
C MET A 312 27.52 -4.76 6.41
N PHE A 313 27.86 -5.90 7.01
CA PHE A 313 27.48 -7.18 6.42
C PHE A 313 25.97 -7.27 6.25
N TYR A 314 25.24 -7.02 7.34
CA TYR A 314 23.78 -7.07 7.30
C TYR A 314 23.22 -6.04 6.33
N ALA A 315 23.90 -4.89 6.18
CA ALA A 315 23.44 -3.88 5.23
C ALA A 315 23.59 -4.34 3.80
N ILE A 316 24.73 -4.97 3.48
CA ILE A 316 24.88 -5.61 2.17
C ILE A 316 23.72 -6.56 1.91
N LYS A 317 23.47 -7.45 2.87
CA LYS A 317 22.41 -8.45 2.69
C LYS A 317 21.04 -7.79 2.50
N ASN A 318 20.77 -6.74 3.26
CA ASN A 318 19.44 -6.12 3.21
C ASN A 318 19.26 -5.29 1.95
N GLN A 319 20.32 -4.68 1.43
CA GLN A 319 20.22 -4.02 0.14
C GLN A 319 19.97 -5.03 -0.97
N LYS A 320 20.60 -6.21 -0.87
CA LYS A 320 20.27 -7.28 -1.81
C LYS A 320 18.81 -7.68 -1.69
N LEU A 321 18.30 -7.77 -0.47
CA LEU A 321 16.87 -8.04 -0.26
C LEU A 321 16.00 -6.98 -0.92
N MET A 322 16.40 -5.71 -0.81
CA MET A 322 15.69 -4.62 -1.46
C MET A 322 15.61 -4.87 -2.97
N GLY A 323 16.75 -5.15 -3.60
CA GLY A 323 16.73 -5.43 -5.03
C GLY A 323 15.85 -6.60 -5.38
N GLU A 324 15.89 -7.66 -4.57
CA GLU A 324 15.06 -8.83 -4.82
C GLU A 324 13.58 -8.46 -4.77
N ILE A 325 13.18 -7.66 -3.79
CA ILE A 325 11.77 -7.27 -3.67
C ILE A 325 11.37 -6.40 -4.86
N GLU A 326 12.24 -5.49 -5.28
CA GLU A 326 11.95 -4.68 -6.46
C GLU A 326 11.69 -5.56 -7.68
N ASN A 327 12.57 -6.54 -7.91
CA ASN A 327 12.40 -7.43 -9.05
C ASN A 327 11.13 -8.26 -8.92
N GLU A 328 10.82 -8.71 -7.69
CA GLU A 328 9.59 -9.48 -7.49
C GLU A 328 8.36 -8.65 -7.85
N PHE A 329 8.33 -7.38 -7.43
CA PHE A 329 7.20 -6.52 -7.76
C PHE A 329 7.11 -6.30 -9.27
N GLN A 330 8.23 -6.01 -9.91
CA GLN A 330 8.21 -5.79 -11.36
C GLN A 330 7.72 -7.03 -12.10
N ASP A 331 8.13 -8.22 -11.64
CA ASP A 331 7.70 -9.44 -12.31
C ASP A 331 6.23 -9.72 -12.06
N PHE A 332 5.76 -9.49 -10.84
CA PHE A 332 4.33 -9.62 -10.55
C PHE A 332 3.52 -8.73 -11.48
N LEU A 333 3.96 -7.48 -11.65
CA LEU A 333 3.26 -6.57 -12.56
C LEU A 333 3.36 -7.04 -14.00
N LYS A 334 4.49 -7.64 -14.39
CA LYS A 334 4.62 -8.15 -15.75
C LYS A 334 3.66 -9.29 -16.01
N ASN A 335 3.40 -10.13 -15.00
CA ASN A 335 2.46 -11.24 -15.16
C ASN A 335 1.02 -10.77 -15.27
N GLN A 336 0.71 -9.55 -14.82
CA GLN A 336 -0.65 -9.07 -14.81
C GLN A 336 -1.17 -8.85 -16.22
N SER A 337 -2.43 -9.22 -16.45
CA SER A 337 -3.04 -9.10 -17.76
C SER A 337 -3.40 -7.65 -18.08
N SER A 338 -3.53 -7.38 -19.36
CA SER A 338 -4.02 -6.09 -19.85
C SER A 338 -5.53 -6.04 -19.95
N LEU A 339 -6.22 -7.14 -19.63
CA LEU A 339 -7.68 -7.22 -19.71
C LEU A 339 -8.31 -7.41 -18.34
N THR A 340 -7.59 -7.12 -17.27
CA THR A 340 -8.13 -7.27 -15.92
C THR A 340 -8.98 -6.07 -15.55
N LEU A 341 -9.95 -6.30 -14.67
CA LEU A 341 -10.82 -5.23 -14.21
C LEU A 341 -10.01 -4.19 -13.46
N PRO A 342 -10.00 -2.93 -13.90
CA PRO A 342 -9.11 -1.91 -13.32
C PRO A 342 -9.23 -1.81 -11.81
N PRO A 343 -10.46 -1.78 -11.27
CA PRO A 343 -10.61 -1.64 -9.81
C PRO A 343 -9.95 -2.77 -9.03
N THR A 344 -10.36 -4.00 -9.32
CA THR A 344 -9.73 -5.15 -8.69
C THR A 344 -8.23 -5.18 -8.97
N MET A 345 -7.80 -4.65 -10.11
CA MET A 345 -6.38 -4.60 -10.42
C MET A 345 -5.64 -3.67 -9.45
N ARG A 346 -6.18 -2.48 -9.21
CA ARG A 346 -5.58 -1.56 -8.26
C ARG A 346 -5.56 -2.18 -6.86
N VAL A 347 -6.65 -2.85 -6.48
CA VAL A 347 -6.67 -3.53 -5.18
C VAL A 347 -5.55 -4.56 -5.10
N LYS A 348 -5.41 -5.39 -6.13
CA LYS A 348 -4.39 -6.43 -6.13
C LYS A 348 -2.99 -5.84 -6.04
N VAL A 349 -2.72 -4.78 -6.80
CA VAL A 349 -1.38 -4.21 -6.81
C VAL A 349 -1.07 -3.55 -5.47
N SER A 350 -2.04 -2.86 -4.88
CA SER A 350 -1.84 -2.29 -3.56
C SER A 350 -1.54 -3.38 -2.54
N GLN A 351 -2.24 -4.52 -2.64
CA GLN A 351 -2.01 -5.59 -1.69
C GLN A 351 -0.65 -6.25 -1.90
N LYS A 352 -0.20 -6.36 -3.15
CA LYS A 352 1.16 -6.86 -3.38
C LYS A 352 2.19 -5.89 -2.81
N PHE A 353 1.96 -4.59 -2.97
CA PHE A 353 2.80 -3.57 -2.34
C PHE A 353 2.92 -3.82 -0.84
N SER A 354 1.77 -3.93 -0.16
CA SER A 354 1.77 -4.13 1.28
C SER A 354 2.48 -5.43 1.66
N GLU A 355 2.19 -6.51 0.95
CA GLU A 355 2.78 -7.79 1.30
C GLU A 355 4.29 -7.79 1.09
N LEU A 356 4.77 -7.11 0.04
CA LEU A 356 6.21 -7.04 -0.19
C LEU A 356 6.88 -6.22 0.89
N LEU A 357 6.24 -5.14 1.35
CA LEU A 357 6.82 -4.38 2.45
C LEU A 357 6.91 -5.22 3.72
N GLU A 358 5.84 -5.97 4.03
CA GLU A 358 5.89 -6.83 5.21
C GLU A 358 6.94 -7.91 5.06
N LYS A 359 7.13 -8.41 3.83
CA LYS A 359 8.14 -9.44 3.61
C LYS A 359 9.54 -8.89 3.83
N PHE A 360 9.81 -7.67 3.34
CA PHE A 360 11.07 -7.01 3.66
C PHE A 360 11.25 -6.91 5.17
N MET A 361 10.19 -6.52 5.89
CA MET A 361 10.32 -6.36 7.34
C MET A 361 10.61 -7.69 8.03
N GLN A 362 9.99 -8.77 7.55
CA GLN A 362 10.17 -10.07 8.20
C GLN A 362 11.47 -10.77 7.80
N PHE A 363 12.06 -10.41 6.66
CA PHE A 363 13.29 -11.03 6.20
C PHE A 363 14.51 -10.12 6.36
N VAL A 364 14.34 -8.92 6.91
CA VAL A 364 15.47 -8.04 7.15
C VAL A 364 16.40 -8.67 8.18
N GLN A 365 17.69 -8.40 8.06
CA GLN A 365 18.71 -8.94 8.96
C GLN A 365 19.39 -7.82 9.70
N GLY A 366 19.79 -8.10 10.93
CA GLY A 366 20.40 -7.12 11.81
C GLY A 366 19.38 -6.48 12.75
N SER A 367 19.90 -5.67 13.67
CA SER A 367 19.08 -4.99 14.65
C SER A 367 19.09 -3.48 14.52
N ASN A 368 19.86 -2.92 13.57
CA ASN A 368 19.92 -1.48 13.35
C ASN A 368 18.63 -1.03 12.70
N THR A 369 17.62 -0.76 13.54
CA THR A 369 16.31 -0.38 13.02
C THR A 369 16.33 0.92 12.24
N SER A 370 17.34 1.77 12.46
CA SER A 370 17.44 3.01 11.68
C SER A 370 17.71 2.71 10.21
N SER A 371 18.72 1.88 9.94
CA SER A 371 18.98 1.47 8.56
C SER A 371 17.81 0.69 7.99
N HIS A 372 17.15 -0.12 8.82
CA HIS A 372 15.96 -0.84 8.38
C HIS A 372 14.88 0.13 7.90
N ASP A 373 14.64 1.19 8.67
CA ASP A 373 13.62 2.16 8.29
C ASP A 373 14.01 2.91 7.03
N ALA A 374 15.28 3.29 6.90
CA ALA A 374 15.73 3.97 5.69
C ALA A 374 15.55 3.08 4.47
N MET A 375 15.96 1.81 4.57
CA MET A 375 15.81 0.89 3.46
C MET A 375 14.34 0.69 3.12
N LEU A 376 13.47 0.58 4.12
CA LEU A 376 12.05 0.41 3.87
C LEU A 376 11.45 1.63 3.19
N LYS A 377 11.89 2.83 3.59
CA LYS A 377 11.41 4.05 2.94
C LYS A 377 11.79 4.08 1.47
N ASP A 378 13.07 3.78 1.18
CA ASP A 378 13.51 3.83 -0.21
C ASP A 378 12.85 2.74 -1.05
N LEU A 379 12.67 1.54 -0.47
CA LEU A 379 11.92 0.49 -1.14
C LEU A 379 10.49 0.94 -1.42
N GLU A 380 9.87 1.62 -0.45
CA GLU A 380 8.52 2.14 -0.65
C GLU A 380 8.47 3.10 -1.83
N VAL A 381 9.45 4.01 -1.91
CA VAL A 381 9.46 4.98 -3.00
C VAL A 381 9.60 4.27 -4.35
N ARG A 382 10.52 3.31 -4.43
CA ARG A 382 10.74 2.61 -5.69
C ARG A 382 9.50 1.82 -6.11
N LEU A 383 8.92 1.08 -5.17
CA LEU A 383 7.71 0.32 -5.49
C LEU A 383 6.55 1.23 -5.85
N LEU A 384 6.47 2.41 -5.23
CA LEU A 384 5.44 3.37 -5.60
C LEU A 384 5.61 3.84 -7.03
N GLU A 385 6.84 4.14 -7.43
CA GLU A 385 7.11 4.49 -8.81
C GLU A 385 6.66 3.36 -9.75
N ILE A 386 7.03 2.13 -9.42
CA ILE A 386 6.66 0.99 -10.27
C ILE A 386 5.15 0.88 -10.39
N GLN A 387 4.44 0.98 -9.26
CA GLN A 387 2.99 0.86 -9.24
C GLN A 387 2.33 1.93 -10.09
N GLU A 388 2.69 3.19 -9.85
CA GLU A 388 2.07 4.28 -10.59
C GLU A 388 2.42 4.20 -12.07
N LYS A 389 3.60 3.70 -12.41
CA LYS A 389 3.95 3.53 -13.82
C LYS A 389 3.04 2.50 -14.49
N PHE A 390 2.91 1.32 -13.86
CA PHE A 390 2.02 0.30 -14.41
C PHE A 390 0.61 0.86 -14.59
N CYS A 391 0.10 1.57 -13.58
CA CYS A 391 -1.26 2.10 -13.67
C CYS A 391 -1.38 3.16 -14.77
N ASN A 392 -0.42 4.08 -14.83
CA ASN A 392 -0.44 5.12 -15.86
C ASN A 392 -0.48 4.50 -17.25
N ASP A 393 0.34 3.48 -17.49
CA ASP A 393 0.25 2.79 -18.78
C ASP A 393 -1.09 2.07 -18.95
N PHE A 394 -1.67 1.59 -17.84
CA PHE A 394 -3.00 0.99 -17.91
C PHE A 394 -4.06 2.00 -18.32
N THR A 395 -3.81 3.29 -18.10
CA THR A 395 -4.76 4.30 -18.56
C THR A 395 -5.00 4.19 -20.06
N THR A 396 -3.92 4.20 -20.85
CA THR A 396 -4.02 4.08 -22.30
C THR A 396 -4.17 2.61 -22.71
N ARG A 397 -5.12 1.92 -22.09
CA ARG A 397 -5.35 0.50 -22.39
C ARG A 397 -6.60 0.00 -21.68
N PRO B 3 -54.11 34.32 -1.78
CA PRO B 3 -54.15 34.14 -3.23
C PRO B 3 -53.44 32.87 -3.67
N ASP B 4 -53.97 31.72 -3.25
CA ASP B 4 -53.34 30.44 -3.54
C ASP B 4 -52.97 30.36 -5.00
N HIS B 5 -51.80 29.79 -5.24
CA HIS B 5 -51.23 29.73 -6.58
C HIS B 5 -50.16 28.64 -6.62
N PRO B 6 -49.48 28.46 -7.77
CA PRO B 6 -48.33 27.58 -7.89
C PRO B 6 -47.01 28.18 -7.43
N ILE B 7 -46.17 27.31 -6.85
CA ILE B 7 -44.83 27.69 -6.40
C ILE B 7 -43.79 26.70 -6.91
N GLN B 8 -42.72 27.22 -7.52
CA GLN B 8 -41.61 26.41 -7.98
C GLN B 8 -40.62 26.25 -6.84
N LEU B 9 -40.47 25.02 -6.36
CA LEU B 9 -39.63 24.74 -5.20
C LEU B 9 -38.18 24.50 -5.61
N VAL B 10 -37.97 23.61 -6.58
CA VAL B 10 -36.62 23.25 -7.01
C VAL B 10 -36.52 23.42 -8.51
N TRP B 11 -35.48 24.12 -8.95
CA TRP B 11 -35.17 24.27 -10.37
C TRP B 11 -33.73 23.87 -10.61
N THR B 12 -33.36 23.74 -11.88
CA THR B 12 -32.01 23.36 -12.27
C THR B 12 -31.37 24.52 -13.02
N ASP B 13 -30.19 24.95 -12.56
CA ASP B 13 -29.53 26.10 -13.15
C ASP B 13 -28.78 25.68 -14.42
N VAL B 14 -27.92 26.57 -14.92
CA VAL B 14 -27.18 26.28 -16.14
C VAL B 14 -26.04 25.29 -15.86
N ASN B 15 -25.47 25.33 -14.66
CA ASN B 15 -24.35 24.46 -14.32
C ASN B 15 -24.79 23.06 -13.91
N GLY B 16 -26.09 22.77 -13.90
CA GLY B 16 -26.58 21.49 -13.45
C GLY B 16 -26.87 21.42 -11.97
N ARG B 17 -26.76 22.53 -11.25
CA ARG B 17 -27.04 22.56 -9.82
C ARG B 17 -28.53 22.65 -9.55
N LEU B 18 -28.96 22.00 -8.47
CA LEU B 18 -30.36 22.03 -8.05
C LEU B 18 -30.54 23.13 -7.03
N SER B 19 -31.29 24.17 -7.39
CA SER B 19 -31.56 25.30 -6.51
C SER B 19 -32.94 25.15 -5.90
N LEU B 20 -33.08 25.58 -4.65
CA LEU B 20 -34.26 25.40 -3.84
C LEU B 20 -34.76 26.75 -3.34
N ASP B 21 -36.08 26.94 -3.34
CA ASP B 21 -36.69 28.18 -2.87
C ASP B 21 -36.86 28.09 -1.36
N LEU B 22 -35.85 28.59 -0.63
CA LEU B 22 -35.87 28.49 0.83
C LEU B 22 -37.04 29.29 1.41
N SER B 23 -37.28 30.49 0.90
CA SER B 23 -38.32 31.34 1.46
C SER B 23 -39.71 30.74 1.25
N GLY B 24 -40.01 30.31 0.02
CA GLY B 24 -41.32 29.73 -0.25
C GLY B 24 -41.54 28.42 0.45
N ALA B 25 -40.54 27.53 0.43
CA ALA B 25 -40.65 26.27 1.14
C ALA B 25 -40.79 26.48 2.64
N HIS B 26 -40.17 27.54 3.17
CA HIS B 26 -40.35 27.88 4.58
C HIS B 26 -41.78 28.34 4.85
N ASP B 27 -42.28 29.25 4.02
CA ASP B 27 -43.63 29.76 4.18
C ASP B 27 -44.69 28.68 4.01
N CYS B 28 -44.36 27.60 3.29
CA CYS B 28 -45.32 26.53 3.03
C CYS B 28 -45.22 25.38 4.03
N PHE B 29 -44.02 24.94 4.37
CA PHE B 29 -43.84 23.78 5.25
C PHE B 29 -43.67 24.16 6.72
N LEU B 30 -43.48 25.44 7.03
CA LEU B 30 -43.19 25.87 8.39
C LEU B 30 -44.26 26.81 8.96
N ASN B 31 -45.41 26.92 8.32
CA ASN B 31 -46.48 27.74 8.88
C ASN B 31 -46.93 27.15 10.21
N THR B 32 -47.11 28.03 11.21
CA THR B 32 -47.46 27.57 12.55
C THR B 32 -48.75 26.77 12.58
N ARG B 33 -49.60 26.91 11.57
CA ARG B 33 -50.90 26.23 11.61
C ARG B 33 -50.76 24.73 11.41
N TYR B 34 -49.87 24.30 10.50
CA TYR B 34 -49.78 22.90 10.12
C TYR B 34 -48.34 22.38 10.13
N SER B 35 -47.45 23.03 10.88
CA SER B 35 -46.05 22.60 10.90
C SER B 35 -45.92 21.20 11.49
N ASN B 36 -46.69 20.89 12.52
CA ASN B 36 -46.61 19.61 13.20
C ASN B 36 -47.76 18.67 12.86
N TYR B 37 -48.72 19.11 12.06
CA TYR B 37 -49.74 18.20 11.56
C TYR B 37 -49.08 17.13 10.69
N PRO B 38 -49.42 15.86 10.85
CA PRO B 38 -48.90 14.84 9.94
C PRO B 38 -49.12 15.25 8.49
N VAL B 39 -48.09 15.08 7.67
CA VAL B 39 -48.09 15.57 6.30
C VAL B 39 -48.21 14.41 5.33
N PHE B 40 -48.76 14.69 4.16
CA PHE B 40 -48.89 13.71 3.08
C PHE B 40 -48.57 14.41 1.78
N ILE B 41 -47.48 13.99 1.12
CA ILE B 41 -47.05 14.56 -0.14
C ILE B 41 -47.49 13.63 -1.26
N LEU B 42 -48.33 14.14 -2.15
CA LEU B 42 -48.78 13.39 -3.33
C LEU B 42 -48.11 13.99 -4.57
N CYS B 43 -47.33 13.19 -5.27
CA CYS B 43 -46.60 13.62 -6.44
C CYS B 43 -47.10 12.89 -7.68
N ILE B 44 -47.01 13.56 -8.82
CA ILE B 44 -47.37 12.99 -10.11
C ILE B 44 -46.14 13.05 -11.02
N ILE B 45 -45.75 11.90 -11.57
CA ILE B 45 -44.56 11.78 -12.39
C ILE B 45 -44.91 11.07 -13.69
N GLY B 46 -44.25 11.47 -14.76
CA GLY B 46 -44.48 10.87 -16.05
C GLY B 46 -44.08 11.81 -17.17
N GLU B 47 -44.37 11.37 -18.39
CA GLU B 47 -44.07 12.16 -19.58
C GLU B 47 -45.05 13.33 -19.71
N LYS B 48 -44.65 14.31 -20.52
CA LYS B 48 -45.44 15.53 -20.67
C LYS B 48 -46.63 15.30 -21.60
N ARG B 49 -47.60 16.22 -21.52
CA ARG B 49 -48.77 16.21 -22.40
C ARG B 49 -49.54 14.90 -22.27
N ARG B 50 -49.82 14.50 -21.03
CA ARG B 50 -50.55 13.27 -20.79
C ARG B 50 -51.60 13.39 -19.69
N GLY B 51 -51.85 14.59 -19.18
CA GLY B 51 -52.91 14.81 -18.22
C GLY B 51 -52.51 14.77 -16.76
N LYS B 52 -51.25 15.05 -16.43
CA LYS B 52 -50.83 15.03 -15.03
C LYS B 52 -51.47 16.17 -14.24
N SER B 53 -51.32 17.41 -14.73
CA SER B 53 -51.90 18.57 -14.05
C SER B 53 -53.43 18.48 -14.04
N PHE B 54 -54.03 17.91 -15.08
CA PHE B 54 -55.48 17.69 -15.09
C PHE B 54 -55.92 16.89 -13.87
N LEU B 55 -55.35 15.70 -13.71
CA LEU B 55 -55.70 14.84 -12.57
C LEU B 55 -55.36 15.52 -11.25
N MET B 56 -54.25 16.26 -11.20
CA MET B 56 -53.89 16.93 -9.96
C MET B 56 -54.91 18.01 -9.59
N ASN B 57 -55.43 18.72 -10.60
CA ASN B 57 -56.44 19.74 -10.33
C ASN B 57 -57.72 19.11 -9.80
N TYR B 58 -58.17 18.02 -10.43
CA TYR B 58 -59.39 17.38 -9.93
C TYR B 58 -59.17 16.78 -8.54
N ILE B 59 -57.97 16.27 -8.28
CA ILE B 59 -57.65 15.76 -6.95
C ILE B 59 -57.66 16.90 -5.94
N MET B 60 -57.22 18.09 -6.35
CA MET B 60 -57.31 19.27 -5.49
C MET B 60 -58.76 19.57 -5.15
N ARG B 61 -59.65 19.50 -6.15
CA ARG B 61 -61.07 19.70 -5.88
C ARG B 61 -61.58 18.71 -4.84
N ALA B 62 -61.31 17.42 -5.06
CA ALA B 62 -61.77 16.41 -4.11
C ALA B 62 -61.16 16.63 -2.73
N LEU B 63 -59.92 17.11 -2.66
CA LEU B 63 -59.30 17.42 -1.38
C LEU B 63 -60.01 18.58 -0.70
N ARG B 64 -60.44 19.58 -1.48
CA ARG B 64 -61.20 20.68 -0.90
C ARG B 64 -62.53 20.19 -0.34
N SER B 65 -63.18 19.26 -1.05
CA SER B 65 -64.41 18.66 -0.51
C SER B 65 -64.14 17.93 0.80
N MET B 66 -63.09 17.08 0.82
CA MET B 66 -62.73 16.40 2.05
C MET B 66 -62.42 17.38 3.17
N GLU B 67 -61.73 18.47 2.84
CA GLU B 67 -61.43 19.51 3.82
C GLU B 67 -62.71 20.11 4.38
N MET B 68 -63.68 20.39 3.52
CA MET B 68 -64.98 20.92 3.93
C MET B 68 -65.81 19.90 4.70
N ASP B 69 -65.23 18.77 5.09
CA ASP B 69 -65.92 17.77 5.90
C ASP B 69 -67.08 17.14 5.13
N GLU B 70 -66.77 16.63 3.94
CA GLU B 70 -67.77 15.98 3.11
C GLU B 70 -67.20 14.76 2.40
N GLU B 71 -67.52 14.59 1.12
CA GLU B 71 -67.06 13.48 0.32
C GLU B 71 -66.48 13.99 -0.99
N ILE B 72 -65.90 13.08 -1.77
CA ILE B 72 -65.39 13.43 -3.09
C ILE B 72 -66.51 14.09 -3.88
N SER B 73 -66.30 15.34 -4.29
CA SER B 73 -67.30 16.03 -5.09
C SER B 73 -66.62 17.05 -5.98
N LEU B 74 -67.02 17.06 -7.25
CA LEU B 74 -66.58 18.06 -8.22
C LEU B 74 -67.80 18.60 -8.93
N GLY B 75 -67.96 19.92 -8.91
CA GLY B 75 -69.16 20.53 -9.49
C GLY B 75 -69.02 20.67 -10.99
N ALA B 76 -70.07 20.23 -11.71
CA ALA B 76 -70.09 20.39 -13.15
C ALA B 76 -70.04 21.88 -13.51
N ASP B 77 -69.89 22.15 -14.80
CA ASP B 77 -69.81 23.51 -15.33
C ASP B 77 -68.86 24.38 -14.50
N ASP B 78 -67.70 23.83 -14.16
CA ASP B 78 -66.66 24.54 -13.43
C ASP B 78 -65.47 24.82 -14.37
N GLU B 79 -64.33 25.13 -13.78
CA GLU B 79 -63.19 25.59 -14.56
C GLU B 79 -61.90 25.07 -13.94
N PRO B 80 -60.75 25.28 -14.59
CA PRO B 80 -59.49 24.69 -14.12
C PRO B 80 -58.91 25.37 -12.90
N LEU B 81 -57.72 24.93 -12.49
CA LEU B 81 -57.03 25.47 -11.32
C LEU B 81 -55.58 25.84 -11.66
N LYS B 82 -54.67 24.88 -11.55
CA LYS B 82 -53.26 25.11 -11.79
C LYS B 82 -52.75 24.25 -12.93
N GLY B 83 -51.74 24.76 -13.63
CA GLY B 83 -51.07 24.02 -14.69
C GLY B 83 -51.76 24.20 -16.04
N PHE B 84 -52.42 23.14 -16.50
CA PHE B 84 -53.16 23.16 -17.75
C PHE B 84 -54.37 22.24 -17.62
N LYS B 85 -55.54 22.75 -17.99
CA LYS B 85 -56.77 21.97 -17.91
C LYS B 85 -57.76 22.42 -18.97
N THR B 92 -48.19 29.38 -19.35
CA THR B 92 -47.45 28.48 -20.23
C THR B 92 -46.92 27.27 -19.44
N THR B 93 -45.79 26.72 -19.85
CA THR B 93 -45.24 25.52 -19.25
C THR B 93 -43.80 25.76 -18.81
N THR B 94 -43.52 25.57 -17.52
CA THR B 94 -42.18 25.59 -16.98
C THR B 94 -41.80 24.19 -16.51
N LYS B 95 -40.51 24.00 -16.24
CA LYS B 95 -39.96 22.70 -15.88
C LYS B 95 -39.33 22.76 -14.49
N GLY B 96 -39.61 21.76 -13.69
CA GLY B 96 -39.06 21.66 -12.34
C GLY B 96 -40.05 20.98 -11.41
N ILE B 97 -39.87 21.24 -10.12
CA ILE B 97 -40.78 20.76 -9.08
C ILE B 97 -41.67 21.93 -8.67
N TRP B 98 -42.98 21.73 -8.71
CA TRP B 98 -43.93 22.75 -8.31
C TRP B 98 -44.90 22.19 -7.28
N MET B 99 -45.46 23.08 -6.48
CA MET B 99 -46.33 22.70 -5.38
C MET B 99 -47.47 23.69 -5.25
N TRP B 100 -48.55 23.21 -4.63
CA TRP B 100 -49.63 24.08 -4.18
C TRP B 100 -49.22 24.75 -2.87
N ASN B 101 -49.21 26.08 -2.85
CA ASN B 101 -48.67 26.80 -1.71
C ASN B 101 -49.39 26.41 -0.42
N ARG B 102 -50.71 26.25 -0.47
CA ARG B 102 -51.40 25.91 0.76
C ARG B 102 -51.77 24.44 0.78
N PRO B 103 -51.55 23.77 1.91
CA PRO B 103 -51.97 22.36 2.03
C PRO B 103 -53.47 22.26 2.21
N PHE B 104 -53.96 21.01 2.18
CA PHE B 104 -55.36 20.71 2.45
C PHE B 104 -55.41 19.86 3.71
N LEU B 105 -56.15 20.33 4.71
CA LEU B 105 -56.21 19.67 6.02
C LEU B 105 -57.43 18.76 6.08
N LEU B 106 -57.19 17.47 6.32
CA LEU B 106 -58.25 16.48 6.38
C LEU B 106 -58.31 15.89 7.79
N ASN B 107 -59.44 15.24 8.10
CA ASN B 107 -59.70 14.69 9.42
C ASN B 107 -59.28 13.22 9.44
N HIS B 108 -58.25 12.91 10.22
CA HIS B 108 -57.81 11.53 10.43
C HIS B 108 -57.69 11.30 11.92
N LYS B 109 -58.20 10.16 12.40
CA LYS B 109 -58.25 9.88 13.82
C LYS B 109 -58.97 11.02 14.55
N GLY B 110 -58.25 11.75 15.40
CA GLY B 110 -58.80 12.90 16.08
C GLY B 110 -58.16 14.19 15.63
N GLY B 111 -57.12 14.08 14.80
CA GLY B 111 -56.38 15.24 14.33
C GLY B 111 -56.54 15.47 12.84
N LYS B 112 -55.68 16.35 12.33
CA LYS B 112 -55.68 16.73 10.93
C LYS B 112 -54.41 16.25 10.26
N ILE B 113 -54.54 15.91 8.98
CA ILE B 113 -53.42 15.57 8.11
C ILE B 113 -53.34 16.63 7.02
N ALA B 114 -52.15 17.21 6.84
CA ALA B 114 -51.93 18.23 5.84
C ALA B 114 -51.40 17.58 4.57
N VAL B 115 -52.11 17.75 3.47
CA VAL B 115 -51.77 17.16 2.18
C VAL B 115 -51.25 18.27 1.28
N PHE B 116 -50.00 18.15 0.86
CA PHE B 116 -49.41 19.04 -0.13
C PHE B 116 -49.40 18.34 -1.48
N LEU B 117 -49.65 19.11 -2.54
CA LEU B 117 -49.74 18.56 -3.89
C LEU B 117 -48.57 19.06 -4.73
N LEU B 118 -47.86 18.12 -5.35
CA LEU B 118 -46.62 18.37 -6.07
C LEU B 118 -46.73 17.86 -7.50
N ASP B 119 -46.33 18.70 -8.44
CA ASP B 119 -46.32 18.35 -9.87
C ASP B 119 -44.89 18.49 -10.40
N THR B 120 -44.44 17.45 -11.10
CA THR B 120 -43.11 17.39 -11.69
C THR B 120 -43.27 17.51 -13.20
N GLU B 121 -43.29 18.76 -13.70
CA GLU B 121 -43.55 18.98 -15.11
C GLU B 121 -42.43 18.41 -15.98
N GLY B 122 -41.19 18.84 -15.73
CA GLY B 122 -40.06 18.39 -16.54
C GLY B 122 -39.35 17.18 -15.96
N SER B 123 -39.61 16.01 -16.56
CA SER B 123 -39.03 14.75 -16.11
C SER B 123 -39.23 13.72 -17.21
N LEU B 124 -38.53 12.60 -17.10
CA LEU B 124 -38.64 11.54 -18.09
C LEU B 124 -38.26 12.05 -19.49
N ASP B 125 -37.40 13.05 -19.54
CA ASP B 125 -36.94 13.68 -20.76
C ASP B 125 -35.53 13.24 -21.08
N ILE B 126 -35.28 12.91 -22.35
CA ILE B 126 -34.00 12.38 -22.78
C ILE B 126 -33.20 13.45 -23.52
N GLU B 127 -33.90 14.43 -24.10
CA GLU B 127 -33.24 15.41 -24.95
C GLU B 127 -32.21 16.24 -24.19
N SER B 128 -32.29 16.29 -22.87
CA SER B 128 -31.39 17.10 -22.07
C SER B 128 -30.28 16.23 -21.47
N ASP B 129 -29.58 16.78 -20.48
CA ASP B 129 -28.60 16.02 -19.71
C ASP B 129 -29.37 15.16 -18.72
N ARG B 130 -29.42 13.84 -18.98
CA ARG B 130 -30.20 12.94 -18.14
C ARG B 130 -29.88 13.12 -16.67
N GLU B 131 -28.64 13.50 -16.34
CA GLU B 131 -28.26 13.74 -14.95
C GLU B 131 -29.19 14.73 -14.28
N THR B 132 -29.47 15.84 -14.96
CA THR B 132 -30.27 16.91 -14.36
C THR B 132 -31.70 16.46 -14.10
N CYS B 133 -32.33 15.86 -15.10
CA CYS B 133 -33.72 15.41 -14.94
C CYS B 133 -33.80 14.30 -13.91
N ILE B 134 -32.84 13.37 -13.93
CA ILE B 134 -32.83 12.32 -12.92
C ILE B 134 -32.74 12.91 -11.53
N LYS B 135 -31.90 13.95 -11.35
CA LYS B 135 -31.76 14.56 -10.04
C LYS B 135 -33.04 15.26 -9.61
N LEU B 136 -33.67 16.00 -10.52
CA LEU B 136 -34.93 16.66 -10.18
C LEU B 136 -36.00 15.65 -9.77
N SER B 137 -36.15 14.58 -10.57
CA SER B 137 -37.16 13.57 -10.27
C SER B 137 -36.82 12.81 -8.99
N ALA B 138 -35.54 12.60 -8.70
CA ALA B 138 -35.16 11.97 -7.45
C ALA B 138 -35.48 12.85 -6.25
N LEU B 139 -35.23 14.16 -6.38
CA LEU B 139 -35.60 15.08 -5.31
C LEU B 139 -37.11 15.06 -5.08
N SER B 140 -37.89 14.99 -6.16
CA SER B 140 -39.33 14.86 -6.00
C SER B 140 -39.70 13.57 -5.28
N LEU B 141 -39.19 12.44 -5.76
CA LEU B 141 -39.52 11.14 -5.17
C LEU B 141 -39.07 11.02 -3.73
N PHE B 142 -38.03 11.76 -3.32
CA PHE B 142 -37.49 11.61 -1.98
C PHE B 142 -38.47 12.08 -0.91
N ILE B 143 -39.30 13.07 -1.21
CA ILE B 143 -40.22 13.65 -0.24
C ILE B 143 -41.65 13.15 -0.43
N SER B 144 -41.86 12.19 -1.33
CA SER B 144 -43.21 11.74 -1.66
C SER B 144 -43.64 10.59 -0.75
N SER B 145 -44.91 10.62 -0.34
CA SER B 145 -45.54 9.52 0.37
C SER B 145 -46.36 8.63 -0.54
N HIS B 146 -46.88 9.19 -1.64
CA HIS B 146 -47.63 8.44 -2.63
C HIS B 146 -47.27 8.99 -4.00
N LEU B 147 -46.77 8.12 -4.88
CA LEU B 147 -46.30 8.52 -6.20
C LEU B 147 -47.23 7.96 -7.27
N ILE B 148 -47.76 8.83 -8.11
CA ILE B 148 -48.57 8.44 -9.25
C ILE B 148 -47.71 8.57 -10.50
N PHE B 149 -47.47 7.46 -11.17
CA PHE B 149 -46.71 7.44 -12.42
C PHE B 149 -47.70 7.45 -13.58
N ASN B 150 -47.78 8.57 -14.28
CA ASN B 150 -48.68 8.72 -15.42
C ASN B 150 -48.02 8.15 -16.66
N VAL B 151 -48.48 7.00 -17.12
CA VAL B 151 -47.90 6.33 -18.28
C VAL B 151 -48.91 6.35 -19.42
N ALA B 152 -48.39 6.20 -20.64
CA ALA B 152 -49.21 6.22 -21.84
C ALA B 152 -49.34 4.86 -22.52
N SER B 153 -48.62 3.84 -22.03
CA SER B 153 -48.67 2.51 -22.63
C SER B 153 -48.02 1.50 -21.70
N ASN B 154 -47.45 0.44 -22.26
CA ASN B 154 -46.67 -0.48 -21.45
C ASN B 154 -45.45 0.26 -20.87
N LEU B 155 -44.94 -0.28 -19.77
CA LEU B 155 -43.90 0.42 -19.02
C LEU B 155 -42.58 0.36 -19.76
N LYS B 156 -42.02 1.54 -20.07
CA LYS B 156 -40.68 1.63 -20.61
C LYS B 156 -39.65 1.44 -19.50
N GLU B 157 -38.43 1.06 -19.89
CA GLU B 157 -37.41 0.73 -18.90
C GLU B 157 -36.99 1.95 -18.10
N THR B 158 -37.07 3.15 -18.69
CA THR B 158 -36.76 4.36 -17.94
C THR B 158 -37.73 4.56 -16.78
N GLU B 159 -39.03 4.44 -17.06
CA GLU B 159 -40.02 4.51 -16.00
C GLU B 159 -39.78 3.44 -14.94
N LEU B 160 -39.38 2.24 -15.39
CA LEU B 160 -39.15 1.16 -14.44
C LEU B 160 -37.95 1.46 -13.54
N ASP B 161 -36.92 2.10 -14.08
CA ASP B 161 -35.79 2.49 -13.24
C ASP B 161 -36.19 3.57 -12.24
N TYR B 162 -37.00 4.53 -12.68
CA TYR B 162 -37.49 5.54 -11.74
C TYR B 162 -38.31 4.88 -10.62
N MET B 163 -39.14 3.89 -10.97
CA MET B 163 -39.94 3.21 -9.96
C MET B 163 -39.06 2.41 -9.01
N GLU B 164 -38.01 1.77 -9.54
CA GLU B 164 -37.09 1.03 -8.68
C GLU B 164 -36.36 1.96 -7.74
N MET B 165 -36.00 3.15 -8.21
CA MET B 165 -35.39 4.14 -7.32
C MET B 165 -36.36 4.53 -6.21
N TYR B 166 -37.62 4.80 -6.56
CA TYR B 166 -38.63 5.08 -5.55
C TYR B 166 -38.71 3.95 -4.53
N MET B 167 -38.70 2.70 -5.00
CA MET B 167 -38.83 1.55 -4.11
C MET B 167 -37.62 1.43 -3.18
N ASN B 168 -36.42 1.69 -3.70
CA ASN B 168 -35.22 1.63 -2.87
C ASN B 168 -35.09 2.83 -1.93
N MET B 169 -35.83 3.90 -2.21
CA MET B 169 -35.79 5.09 -1.37
C MET B 169 -36.74 5.03 -0.18
N GLY B 170 -37.34 3.87 0.08
CA GLY B 170 -38.23 3.73 1.22
C GLY B 170 -37.47 3.36 2.48
N GLU B 171 -36.37 2.62 2.31
CA GLU B 171 -35.53 2.25 3.43
C GLU B 171 -34.87 3.50 4.03
N GLU B 172 -34.40 3.35 5.27
CA GLU B 172 -33.76 4.44 6.01
C GLU B 172 -34.67 5.65 6.12
N CYS B 173 -35.95 5.48 5.80
CA CYS B 173 -36.95 6.53 5.97
C CYS B 173 -38.03 6.15 6.96
N GLY B 174 -37.94 4.97 7.57
CA GLY B 174 -38.91 4.51 8.51
C GLY B 174 -38.83 3.01 8.73
N PRO B 175 -39.14 2.56 9.95
CA PRO B 175 -39.16 1.12 10.22
C PRO B 175 -40.40 0.48 9.64
N LYS B 176 -40.19 -0.59 8.85
CA LYS B 176 -41.29 -1.26 8.15
C LYS B 176 -42.05 -0.28 7.27
N ASN B 177 -41.30 0.48 6.46
CA ASN B 177 -41.87 1.49 5.60
C ASN B 177 -42.31 0.90 4.27
N LEU B 178 -43.44 1.39 3.76
CA LEU B 178 -43.98 0.97 2.47
C LEU B 178 -43.93 2.15 1.52
N GLN B 179 -43.43 1.92 0.31
CA GLN B 179 -43.41 2.91 -0.75
C GLN B 179 -44.63 2.69 -1.64
N HIS B 180 -45.61 3.59 -1.55
CA HIS B 180 -46.87 3.45 -2.28
C HIS B 180 -46.72 4.05 -3.67
N LEU B 181 -47.06 3.26 -4.70
CA LEU B 181 -46.94 3.68 -6.08
C LEU B 181 -48.23 3.34 -6.83
N ASP B 182 -48.71 4.30 -7.62
CA ASP B 182 -49.90 4.14 -8.44
C ASP B 182 -49.53 4.39 -9.88
N ILE B 183 -49.63 3.36 -10.71
CA ILE B 183 -49.35 3.45 -12.14
C ILE B 183 -50.66 3.77 -12.86
N LEU B 184 -50.78 5.00 -13.35
CA LEU B 184 -51.99 5.44 -14.05
C LEU B 184 -51.75 5.37 -15.54
N VAL B 185 -52.41 4.43 -16.21
CA VAL B 185 -52.32 4.29 -17.66
C VAL B 185 -53.39 5.16 -18.30
N ARG B 186 -52.98 5.99 -19.27
CA ARG B 186 -53.87 6.93 -19.92
C ARG B 186 -54.15 6.51 -21.35
N ASP B 187 -55.38 6.77 -21.80
CA ASP B 187 -55.80 6.49 -23.18
C ASP B 187 -55.59 5.01 -23.52
N TRP B 188 -55.97 4.13 -22.61
CA TRP B 188 -55.84 2.69 -22.83
C TRP B 188 -57.04 2.08 -23.53
N TYR B 189 -58.18 2.78 -23.54
CA TYR B 189 -59.39 2.29 -24.19
C TYR B 189 -60.36 3.45 -24.32
N HIS B 190 -61.36 3.25 -25.18
CA HIS B 190 -62.44 4.22 -25.37
C HIS B 190 -63.74 3.60 -24.91
N SER B 191 -64.50 4.35 -24.10
CA SER B 191 -65.77 3.86 -23.57
C SER B 191 -65.61 2.48 -22.95
N LYS B 192 -66.29 1.49 -23.52
CA LYS B 192 -66.17 0.10 -23.08
C LYS B 192 -66.43 -0.05 -21.57
N LYS B 193 -67.09 0.93 -20.97
CA LYS B 193 -67.38 0.92 -19.53
C LYS B 193 -66.13 0.57 -18.73
N TRP B 194 -66.14 -0.60 -18.08
CA TRP B 194 -64.97 -1.06 -17.36
C TRP B 194 -64.99 -2.58 -17.26
N ASP B 195 -63.85 -3.20 -17.54
CA ASP B 195 -63.66 -4.64 -17.38
C ASP B 195 -62.37 -4.87 -16.62
N ARG B 196 -62.46 -5.64 -15.53
CA ARG B 196 -61.26 -5.98 -14.77
C ARG B 196 -60.24 -6.73 -15.63
N ASP B 197 -60.67 -7.29 -16.76
CA ASP B 197 -59.75 -8.06 -17.60
C ASP B 197 -58.68 -7.17 -18.21
N VAL B 198 -59.01 -5.93 -18.54
CA VAL B 198 -57.99 -5.01 -19.06
C VAL B 198 -56.89 -4.81 -18.03
N ALA B 199 -57.27 -4.59 -16.77
CA ALA B 199 -56.29 -4.38 -15.71
C ALA B 199 -55.47 -5.65 -15.49
N ARG B 200 -56.13 -6.80 -15.39
CA ARG B 200 -55.40 -8.05 -15.18
C ARG B 200 -54.45 -8.34 -16.34
N SER B 201 -54.85 -7.98 -17.57
CA SER B 201 -53.97 -8.18 -18.72
C SER B 201 -52.74 -7.28 -18.64
N TYR B 202 -52.94 -6.01 -18.32
CA TYR B 202 -51.80 -5.10 -18.16
C TYR B 202 -50.84 -5.63 -17.10
N ILE B 203 -51.38 -6.04 -15.95
CA ILE B 203 -50.52 -6.51 -14.86
C ILE B 203 -49.79 -7.79 -15.27
N SER B 204 -50.49 -8.71 -15.92
CA SER B 204 -49.86 -9.94 -16.38
C SER B 204 -48.71 -9.64 -17.32
N ARG B 205 -48.95 -8.78 -18.32
CA ARG B 205 -47.90 -8.44 -19.27
C ARG B 205 -46.69 -7.85 -18.56
N GLU B 206 -46.92 -6.89 -17.66
CA GLU B 206 -45.80 -6.22 -17.01
C GLU B 206 -45.02 -7.18 -16.12
N ILE B 207 -45.72 -7.99 -15.32
CA ILE B 207 -45.02 -8.92 -14.44
C ILE B 207 -44.25 -9.95 -15.26
N GLU B 208 -44.82 -10.41 -16.36
CA GLU B 208 -44.11 -11.35 -17.22
C GLU B 208 -42.83 -10.74 -17.76
N LYS B 209 -42.94 -9.55 -18.35
CA LYS B 209 -41.75 -8.87 -18.87
C LYS B 209 -40.69 -8.71 -17.79
N LEU B 210 -41.09 -8.31 -16.58
CA LEU B 210 -40.11 -8.04 -15.53
C LEU B 210 -39.48 -9.32 -15.01
N GLU B 211 -40.28 -10.39 -14.83
CA GLU B 211 -39.70 -11.65 -14.40
C GLU B 211 -38.75 -12.22 -15.44
N LYS B 212 -38.99 -11.92 -16.73
CA LYS B 212 -38.02 -12.32 -17.74
C LYS B 212 -36.77 -11.44 -17.71
N LEU B 213 -36.93 -10.15 -17.39
CA LEU B 213 -35.80 -9.23 -17.39
C LEU B 213 -34.84 -9.49 -16.22
N ASN B 214 -35.30 -10.12 -15.15
CA ASN B 214 -34.49 -10.32 -13.95
C ASN B 214 -33.90 -9.00 -13.45
N SER B 215 -34.63 -7.91 -13.70
CA SER B 215 -34.23 -6.58 -13.26
C SER B 215 -35.41 -5.91 -12.58
N TYR B 216 -35.12 -4.86 -11.82
CA TYR B 216 -36.16 -4.16 -11.09
C TYR B 216 -36.87 -5.15 -10.17
N PRO B 217 -36.19 -5.69 -9.17
CA PRO B 217 -36.83 -6.74 -8.34
C PRO B 217 -37.86 -6.19 -7.39
N LYS B 218 -37.62 -5.02 -6.78
CA LYS B 218 -38.57 -4.48 -5.82
C LYS B 218 -39.87 -4.07 -6.50
N VAL B 219 -39.79 -3.50 -7.71
CA VAL B 219 -40.99 -3.21 -8.47
C VAL B 219 -41.76 -4.48 -8.77
N LEU B 220 -41.04 -5.54 -9.16
CA LEU B 220 -41.67 -6.84 -9.37
C LEU B 220 -42.43 -7.30 -8.13
N TRP B 221 -41.76 -7.29 -6.98
CA TRP B 221 -42.40 -7.72 -5.75
C TRP B 221 -43.64 -6.88 -5.43
N SER B 222 -43.51 -5.56 -5.54
CA SER B 222 -44.65 -4.68 -5.24
C SER B 222 -45.80 -4.94 -6.19
N LEU B 223 -45.52 -5.32 -7.44
CA LEU B 223 -46.59 -5.67 -8.36
C LEU B 223 -47.26 -6.98 -7.96
N LYS B 224 -46.46 -8.01 -7.66
CA LYS B 224 -47.01 -9.29 -7.26
C LYS B 224 -47.65 -9.28 -5.88
N SER B 225 -47.54 -8.16 -5.14
CA SER B 225 -48.16 -8.05 -3.82
C SER B 225 -49.21 -6.94 -3.76
N ASN B 226 -49.50 -6.29 -4.87
CA ASN B 226 -50.48 -5.20 -4.93
C ASN B 226 -50.17 -4.06 -3.97
N GLN B 227 -48.90 -3.93 -3.54
CA GLN B 227 -48.50 -2.71 -2.87
C GLN B 227 -48.42 -1.55 -3.85
N THR B 228 -48.05 -1.84 -5.10
CA THR B 228 -48.20 -0.90 -6.20
C THR B 228 -49.50 -1.24 -6.94
N ARG B 229 -50.32 -0.22 -7.18
CA ARG B 229 -51.62 -0.42 -7.79
C ARG B 229 -51.67 0.27 -9.14
N CYS B 230 -52.29 -0.39 -10.12
CA CYS B 230 -52.36 0.11 -11.49
C CYS B 230 -53.81 0.42 -11.85
N PHE B 231 -54.05 1.66 -12.25
CA PHE B 231 -55.38 2.14 -12.63
C PHE B 231 -55.35 2.58 -14.08
N LEU B 232 -56.27 2.07 -14.88
CA LEU B 232 -56.30 2.34 -16.32
C LEU B 232 -57.50 3.21 -16.63
N LEU B 233 -57.24 4.38 -17.21
CA LEU B 233 -58.13 5.46 -17.59
C LEU B 233 -58.39 5.44 -19.09
N PRO B 234 -59.63 5.65 -19.53
CA PRO B 234 -59.94 5.67 -20.95
C PRO B 234 -59.54 6.99 -21.58
N HIS B 235 -59.87 7.14 -22.87
CA HIS B 235 -59.62 8.42 -23.52
C HIS B 235 -60.69 9.44 -23.10
N PRO B 236 -60.27 10.68 -22.79
CA PRO B 236 -61.24 11.65 -22.24
C PRO B 236 -62.13 12.30 -23.28
N GLY B 237 -61.96 11.97 -24.56
CA GLY B 237 -62.72 12.59 -25.62
C GLY B 237 -62.16 13.95 -26.01
N LYS B 238 -62.61 14.43 -27.17
CA LYS B 238 -62.13 15.70 -27.71
C LYS B 238 -62.68 16.91 -26.97
N GLY B 239 -63.54 16.71 -25.97
CA GLY B 239 -63.94 17.82 -25.13
C GLY B 239 -62.87 18.30 -24.18
N ILE B 240 -61.73 17.62 -24.12
CA ILE B 240 -60.64 17.95 -23.22
C ILE B 240 -59.31 17.99 -23.97
N THR B 241 -59.24 17.23 -25.07
CA THR B 241 -57.95 16.98 -25.71
C THR B 241 -57.39 18.25 -26.34
N GLY B 242 -58.12 18.84 -27.29
CA GLY B 242 -57.60 19.95 -28.07
C GLY B 242 -57.91 21.32 -27.49
N GLU B 243 -59.20 21.67 -27.43
CA GLU B 243 -59.60 22.96 -26.89
C GLU B 243 -59.08 23.18 -25.47
N SER B 244 -58.69 22.11 -24.79
CA SER B 244 -58.15 22.20 -23.43
C SER B 244 -59.12 22.95 -22.51
N GLU B 245 -60.41 22.70 -22.70
CA GLU B 245 -61.46 23.28 -21.87
C GLU B 245 -61.91 22.23 -20.86
N GLY B 246 -61.72 22.52 -19.57
CA GLY B 246 -61.93 21.55 -18.54
C GLY B 246 -63.22 21.70 -17.76
N ARG B 247 -64.19 20.83 -18.04
CA ARG B 247 -65.43 20.76 -17.28
C ARG B 247 -65.85 19.30 -17.20
N LEU B 248 -66.40 18.91 -16.05
CA LEU B 248 -66.92 17.54 -15.92
C LEU B 248 -67.91 17.21 -17.02
N GLN B 249 -68.41 18.25 -17.69
CA GLN B 249 -69.45 18.05 -18.74
C GLN B 249 -68.77 17.90 -20.11
N ASP B 250 -67.48 18.21 -20.19
CA ASP B 250 -66.74 18.13 -21.47
C ASP B 250 -66.03 16.77 -21.55
N MET B 251 -66.44 15.83 -20.70
CA MET B 251 -65.70 14.55 -20.63
C MET B 251 -66.60 13.39 -21.03
N ASP B 252 -66.00 12.33 -21.59
CA ASP B 252 -66.79 11.11 -21.89
C ASP B 252 -67.25 10.54 -20.56
N GLU B 253 -68.53 10.20 -20.43
CA GLU B 253 -69.05 9.75 -19.15
C GLU B 253 -68.18 8.65 -18.55
N ASP B 254 -67.62 7.77 -19.37
CA ASP B 254 -66.75 6.72 -18.86
C ASP B 254 -65.48 7.31 -18.28
N PHE B 255 -64.86 8.26 -18.98
CA PHE B 255 -63.72 8.98 -18.39
C PHE B 255 -64.11 9.64 -17.08
N GLN B 256 -65.29 10.25 -17.04
CA GLN B 256 -65.75 10.91 -15.81
C GLN B 256 -65.83 9.92 -14.66
N GLU B 257 -66.46 8.77 -14.89
CA GLU B 257 -66.64 7.80 -13.81
C GLU B 257 -65.32 7.18 -13.38
N SER B 258 -64.46 6.83 -14.34
CA SER B 258 -63.16 6.27 -13.98
C SER B 258 -62.31 7.29 -13.22
N LEU B 259 -62.34 8.55 -13.66
CA LEU B 259 -61.61 9.60 -12.98
C LEU B 259 -62.12 9.80 -11.55
N ARG B 260 -63.45 9.79 -11.38
CA ARG B 260 -64.01 9.95 -10.04
C ARG B 260 -63.62 8.77 -9.16
N SER B 261 -63.69 7.55 -9.70
CA SER B 261 -63.31 6.38 -8.93
C SER B 261 -61.85 6.45 -8.50
N TYR B 262 -60.96 6.87 -9.41
CA TYR B 262 -59.54 6.94 -9.06
C TYR B 262 -59.26 8.05 -8.06
N VAL B 263 -59.89 9.21 -8.25
CA VAL B 263 -59.69 10.31 -7.30
C VAL B 263 -60.19 9.90 -5.91
N SER B 264 -61.30 9.15 -5.86
CA SER B 264 -61.76 8.64 -4.57
C SER B 264 -60.76 7.65 -3.98
N LYS B 265 -60.25 6.74 -4.81
CA LYS B 265 -59.25 5.78 -4.35
C LYS B 265 -58.03 6.49 -3.76
N VAL B 266 -57.65 7.63 -4.34
CA VAL B 266 -56.44 8.32 -3.90
C VAL B 266 -56.71 9.16 -2.65
N VAL B 267 -57.78 9.96 -2.67
CA VAL B 267 -58.08 10.85 -1.55
C VAL B 267 -58.71 10.13 -0.37
N LYS B 268 -59.06 8.85 -0.52
CA LYS B 268 -59.55 8.06 0.60
C LYS B 268 -58.48 7.17 1.22
N GLY B 269 -57.37 6.95 0.51
CA GLY B 269 -56.22 6.24 1.04
C GLY B 269 -55.19 7.10 1.69
N ILE B 270 -55.41 8.43 1.73
CA ILE B 270 -54.46 9.33 2.36
C ILE B 270 -54.40 9.08 3.86
N CYS B 271 -55.56 9.06 4.52
CA CYS B 271 -55.59 8.97 5.98
C CYS B 271 -55.04 7.64 6.48
N THR B 272 -55.19 6.58 5.70
CA THR B 272 -54.81 5.24 6.14
C THR B 272 -53.34 4.91 5.88
N HIS B 273 -52.53 5.88 5.42
CA HIS B 273 -51.15 5.57 5.09
C HIS B 273 -50.28 6.81 5.32
N ILE B 274 -49.99 7.08 6.59
CA ILE B 274 -49.01 8.09 6.98
C ILE B 274 -47.69 7.39 7.29
N LYS B 275 -46.59 8.07 7.02
CA LYS B 275 -45.27 7.49 7.13
C LYS B 275 -44.60 7.92 8.43
N THR B 276 -43.84 7.00 9.02
CA THR B 276 -43.01 7.28 10.18
C THR B 276 -41.56 7.42 9.77
N ASN B 277 -40.82 8.24 10.49
CA ASN B 277 -39.41 8.46 10.20
C ASN B 277 -38.56 7.45 10.97
N ILE B 278 -37.23 7.63 10.92
CA ILE B 278 -36.34 6.72 11.63
C ILE B 278 -36.43 6.94 13.13
N ASP B 279 -36.66 8.18 13.58
CA ASP B 279 -36.77 8.45 15.00
C ASP B 279 -38.01 7.81 15.62
N GLY B 280 -38.96 7.36 14.81
CA GLY B 280 -40.19 6.79 15.30
C GLY B 280 -41.39 7.70 15.30
N GLU B 281 -41.21 8.96 14.92
CA GLU B 281 -42.31 9.92 14.89
C GLU B 281 -43.02 9.88 13.54
N LEU B 282 -44.18 10.54 13.49
CA LEU B 282 -44.90 10.70 12.24
C LEU B 282 -44.36 11.89 11.47
N LEU B 283 -44.38 11.79 10.15
CA LEU B 283 -43.79 12.81 9.29
C LEU B 283 -44.59 14.11 9.36
N THR B 284 -43.88 15.23 9.37
CA THR B 284 -44.48 16.56 9.37
C THR B 284 -43.90 17.38 8.22
N SER B 285 -44.47 18.57 8.03
CA SER B 285 -44.01 19.42 6.93
C SER B 285 -42.61 19.97 7.18
N ALA B 286 -42.27 20.26 8.43
CA ALA B 286 -40.90 20.69 8.74
C ALA B 286 -39.90 19.59 8.42
N HIS B 287 -40.23 18.34 8.75
CA HIS B 287 -39.39 17.22 8.34
C HIS B 287 -39.19 17.21 6.83
N VAL B 288 -40.25 17.49 6.07
CA VAL B 288 -40.16 17.46 4.62
C VAL B 288 -39.26 18.60 4.12
N PHE B 289 -39.38 19.78 4.72
CA PHE B 289 -38.49 20.88 4.36
C PHE B 289 -37.03 20.51 4.61
N SER B 290 -36.75 19.90 5.76
CA SER B 290 -35.37 19.51 6.07
C SER B 290 -34.87 18.44 5.10
N MET B 291 -35.70 17.44 4.80
CA MET B 291 -35.32 16.43 3.82
C MET B 291 -35.04 17.07 2.46
N LEU B 292 -35.86 18.03 2.06
CA LEU B 292 -35.63 18.73 0.81
C LEU B 292 -34.25 19.35 0.80
N GLN B 293 -33.93 20.13 1.83
CA GLN B 293 -32.60 20.75 1.90
C GLN B 293 -31.48 19.72 1.80
N GLU B 294 -31.58 18.66 2.62
CA GLU B 294 -30.47 17.73 2.73
C GLU B 294 -30.28 16.90 1.46
N PHE B 295 -31.38 16.42 0.87
CA PHE B 295 -31.23 15.65 -0.36
C PHE B 295 -30.86 16.55 -1.54
N THR B 296 -31.26 17.82 -1.52
CA THR B 296 -30.75 18.76 -2.51
C THR B 296 -29.22 18.86 -2.41
N GLU B 297 -28.70 18.94 -1.19
CA GLU B 297 -27.25 18.95 -1.01
C GLU B 297 -26.63 17.65 -1.50
N VAL B 298 -27.21 16.51 -1.11
CA VAL B 298 -26.67 15.21 -1.49
C VAL B 298 -26.60 15.09 -3.01
N LEU B 299 -27.63 15.57 -3.70
CA LEU B 299 -27.66 15.48 -5.16
C LEU B 299 -26.63 16.43 -5.78
N ASN B 300 -26.63 17.69 -5.32
CA ASN B 300 -25.67 18.65 -5.85
C ASN B 300 -24.22 18.30 -5.52
N LEU B 301 -24.00 17.33 -4.63
CA LEU B 301 -22.67 16.90 -4.25
C LEU B 301 -22.31 15.54 -4.82
N GLN B 302 -23.16 14.98 -5.69
CA GLN B 302 -22.85 13.72 -6.37
C GLN B 302 -22.14 14.07 -7.67
N ILE B 303 -20.81 14.20 -7.60
CA ILE B 303 -20.03 14.64 -8.75
C ILE B 303 -19.68 13.52 -9.70
N TYR B 304 -19.94 12.26 -9.34
CA TYR B 304 -19.61 11.14 -10.18
C TYR B 304 -20.71 10.89 -11.21
N GLY B 305 -20.37 10.15 -12.26
CA GLY B 305 -21.25 9.99 -13.40
C GLY B 305 -22.27 8.88 -13.24
N PHE B 306 -23.43 9.07 -13.88
CA PHE B 306 -24.51 8.10 -13.81
C PHE B 306 -25.37 8.22 -15.06
N SER B 307 -25.98 7.10 -15.44
CA SER B 307 -26.86 7.03 -16.60
C SER B 307 -28.31 6.73 -16.26
N SER B 308 -28.56 6.06 -15.14
CA SER B 308 -29.89 5.66 -14.74
C SER B 308 -30.17 6.09 -13.30
N PRO B 309 -31.44 6.25 -12.95
CA PRO B 309 -31.77 6.62 -11.56
C PRO B 309 -31.14 5.69 -10.53
N MET B 310 -31.22 4.38 -10.76
CA MET B 310 -30.60 3.42 -9.85
C MET B 310 -29.10 3.64 -9.73
N GLU B 311 -28.45 4.03 -10.85
CA GLU B 311 -27.03 4.29 -10.80
C GLU B 311 -26.71 5.49 -9.91
N MET B 312 -27.55 6.52 -9.95
CA MET B 312 -27.34 7.67 -9.07
C MET B 312 -27.60 7.30 -7.61
N PHE B 313 -28.62 6.49 -7.36
CA PHE B 313 -28.86 5.97 -6.01
C PHE B 313 -27.61 5.26 -5.48
N TYR B 314 -27.10 4.31 -6.25
CA TYR B 314 -25.91 3.58 -5.84
C TYR B 314 -24.69 4.48 -5.73
N ALA B 315 -24.61 5.53 -6.55
CA ALA B 315 -23.48 6.44 -6.47
C ALA B 315 -23.50 7.22 -5.17
N ILE B 316 -24.69 7.69 -4.75
CA ILE B 316 -24.81 8.33 -3.45
C ILE B 316 -24.37 7.38 -2.34
N LYS B 317 -24.88 6.14 -2.40
CA LYS B 317 -24.50 5.15 -1.38
C LYS B 317 -22.98 4.95 -1.36
N ASN B 318 -22.36 4.88 -2.53
CA ASN B 318 -20.92 4.63 -2.59
C ASN B 318 -20.11 5.82 -2.12
N GLN B 319 -20.61 7.04 -2.34
CA GLN B 319 -19.97 8.22 -1.76
C GLN B 319 -20.00 8.17 -0.24
N LYS B 320 -21.15 7.75 0.31
CA LYS B 320 -21.21 7.56 1.76
C LYS B 320 -20.20 6.52 2.22
N LEU B 321 -20.07 5.43 1.47
CA LEU B 321 -19.06 4.42 1.78
C LEU B 321 -17.65 5.02 1.75
N MET B 322 -17.37 5.87 0.76
CA MET B 322 -16.11 6.58 0.70
C MET B 322 -15.84 7.33 2.00
N GLY B 323 -16.80 8.15 2.42
CA GLY B 323 -16.64 8.90 3.65
C GLY B 323 -16.39 8.01 4.85
N GLU B 324 -17.13 6.91 4.94
CA GLU B 324 -16.94 5.97 6.04
C GLU B 324 -15.53 5.40 6.04
N ILE B 325 -15.01 5.03 4.87
CA ILE B 325 -13.66 4.47 4.79
C ILE B 325 -12.63 5.51 5.18
N GLU B 326 -12.80 6.75 4.72
CA GLU B 326 -11.84 7.80 5.07
C GLU B 326 -11.80 8.02 6.58
N ASN B 327 -12.97 8.10 7.21
CA ASN B 327 -13.00 8.27 8.65
C ASN B 327 -12.43 7.05 9.38
N GLU B 328 -12.64 5.85 8.82
CA GLU B 328 -12.01 4.66 9.37
C GLU B 328 -10.50 4.79 9.39
N PHE B 329 -9.92 5.25 8.28
CA PHE B 329 -8.47 5.42 8.21
C PHE B 329 -8.00 6.48 9.19
N GLN B 330 -8.74 7.60 9.29
CA GLN B 330 -8.36 8.65 10.23
C GLN B 330 -8.36 8.13 11.67
N ASP B 331 -9.38 7.34 12.03
CA ASP B 331 -9.45 6.81 13.38
C ASP B 331 -8.37 5.76 13.63
N PHE B 332 -8.05 4.95 12.62
CA PHE B 332 -6.93 4.03 12.73
C PHE B 332 -5.64 4.80 13.03
N LEU B 333 -5.43 5.92 12.34
CA LEU B 333 -4.21 6.69 12.57
C LEU B 333 -4.22 7.39 13.92
N LYS B 334 -5.40 7.81 14.41
CA LYS B 334 -5.44 8.47 15.70
C LYS B 334 -5.22 7.49 16.86
N ASN B 335 -5.56 6.22 16.65
CA ASN B 335 -5.29 5.19 17.66
C ASN B 335 -3.83 4.75 17.69
N GLN B 336 -3.07 5.06 16.63
CA GLN B 336 -1.68 4.63 16.57
C GLN B 336 -0.82 5.41 17.55
N SER B 337 0.04 4.70 18.26
CA SER B 337 0.85 5.30 19.30
C SER B 337 1.95 6.17 18.70
N SER B 338 2.44 7.11 19.51
CA SER B 338 3.57 7.94 19.14
C SER B 338 4.91 7.31 19.50
N LEU B 339 4.90 6.08 20.03
CA LEU B 339 6.12 5.36 20.37
C LEU B 339 6.28 4.08 19.55
N THR B 340 5.57 3.97 18.43
CA THR B 340 5.64 2.78 17.61
C THR B 340 6.92 2.74 16.79
N LEU B 341 7.40 1.54 16.52
CA LEU B 341 8.60 1.37 15.71
C LEU B 341 8.30 1.80 14.29
N PRO B 342 8.98 2.82 13.76
CA PRO B 342 8.61 3.38 12.46
C PRO B 342 8.47 2.32 11.39
N PRO B 343 9.40 1.35 11.30
CA PRO B 343 9.28 0.30 10.28
C PRO B 343 7.93 -0.43 10.33
N THR B 344 7.68 -1.09 11.47
CA THR B 344 6.43 -1.79 11.68
C THR B 344 5.24 -0.88 11.39
N MET B 345 5.37 0.41 11.72
CA MET B 345 4.25 1.32 11.55
C MET B 345 3.95 1.59 10.08
N ARG B 346 4.98 1.89 9.29
CA ARG B 346 4.78 2.04 7.86
C ARG B 346 4.14 0.79 7.28
N VAL B 347 4.61 -0.38 7.71
CA VAL B 347 4.06 -1.63 7.18
C VAL B 347 2.59 -1.76 7.51
N LYS B 348 2.23 -1.57 8.78
CA LYS B 348 0.84 -1.77 9.18
C LYS B 348 -0.08 -0.74 8.56
N VAL B 349 0.38 0.52 8.45
CA VAL B 349 -0.46 1.54 7.82
C VAL B 349 -0.69 1.21 6.34
N SER B 350 0.35 0.76 5.64
CA SER B 350 0.16 0.43 4.23
C SER B 350 -0.77 -0.77 4.06
N GLN B 351 -0.63 -1.78 4.92
CA GLN B 351 -1.49 -2.95 4.78
C GLN B 351 -2.93 -2.63 5.17
N LYS B 352 -3.14 -1.70 6.10
CA LYS B 352 -4.50 -1.24 6.40
C LYS B 352 -5.05 -0.42 5.25
N PHE B 353 -4.21 0.36 4.59
CA PHE B 353 -4.58 1.02 3.34
C PHE B 353 -5.14 0.01 2.35
N SER B 354 -4.39 -1.07 2.13
CA SER B 354 -4.83 -2.11 1.20
C SER B 354 -6.13 -2.76 1.66
N GLU B 355 -6.25 -3.05 2.96
CA GLU B 355 -7.47 -3.65 3.47
C GLU B 355 -8.67 -2.75 3.26
N LEU B 356 -8.50 -1.44 3.44
CA LEU B 356 -9.60 -0.51 3.26
C LEU B 356 -9.99 -0.40 1.79
N LEU B 357 -9.02 -0.42 0.88
CA LEU B 357 -9.35 -0.46 -0.53
C LEU B 357 -10.15 -1.71 -0.87
N GLU B 358 -9.73 -2.86 -0.34
CA GLU B 358 -10.46 -4.09 -0.58
C GLU B 358 -11.88 -4.02 -0.01
N LYS B 359 -12.03 -3.41 1.17
CA LYS B 359 -13.35 -3.28 1.76
C LYS B 359 -14.25 -2.38 0.92
N PHE B 360 -13.71 -1.28 0.40
CA PHE B 360 -14.50 -0.42 -0.46
C PHE B 360 -14.92 -1.15 -1.73
N MET B 361 -14.02 -1.94 -2.30
CA MET B 361 -14.39 -2.67 -3.51
C MET B 361 -15.39 -3.78 -3.23
N GLN B 362 -15.33 -4.38 -2.02
CA GLN B 362 -16.24 -5.47 -1.70
C GLN B 362 -17.60 -4.98 -1.27
N PHE B 363 -17.70 -3.77 -0.71
CA PHE B 363 -18.95 -3.23 -0.24
C PHE B 363 -19.53 -2.17 -1.20
N VAL B 364 -18.90 -1.95 -2.35
CA VAL B 364 -19.45 -1.04 -3.34
C VAL B 364 -20.75 -1.61 -3.87
N GLN B 365 -21.67 -0.72 -4.27
CA GLN B 365 -22.98 -1.13 -4.75
C GLN B 365 -23.21 -0.54 -6.14
N GLY B 366 -23.92 -1.29 -6.96
CA GLY B 366 -24.08 -0.95 -8.36
C GLY B 366 -23.21 -1.82 -9.24
N SER B 367 -23.06 -1.37 -10.50
CA SER B 367 -22.28 -2.14 -11.45
C SER B 367 -21.53 -1.29 -12.46
N ASN B 368 -21.67 0.04 -12.45
CA ASN B 368 -21.05 0.89 -13.44
C ASN B 368 -19.59 0.51 -13.69
N THR B 369 -18.88 0.13 -12.63
CA THR B 369 -17.47 -0.26 -12.75
C THR B 369 -16.61 0.93 -13.14
N SER B 370 -17.05 1.71 -14.13
CA SER B 370 -16.37 2.96 -14.44
C SER B 370 -16.41 3.92 -13.26
N SER B 371 -17.62 4.15 -12.72
CA SER B 371 -17.72 4.97 -11.51
C SER B 371 -17.09 4.25 -10.32
N HIS B 372 -17.23 2.92 -10.25
CA HIS B 372 -16.59 2.17 -9.18
C HIS B 372 -15.08 2.36 -9.18
N ASP B 373 -14.49 2.66 -10.33
CA ASP B 373 -13.05 2.88 -10.44
C ASP B 373 -12.68 4.35 -10.23
N ALA B 374 -13.50 5.27 -10.74
CA ALA B 374 -13.27 6.68 -10.45
C ALA B 374 -13.28 6.92 -8.94
N MET B 375 -14.25 6.32 -8.24
CA MET B 375 -14.32 6.47 -6.79
C MET B 375 -13.12 5.82 -6.11
N LEU B 376 -12.69 4.65 -6.60
CA LEU B 376 -11.52 4.01 -6.03
C LEU B 376 -10.28 4.88 -6.21
N LYS B 377 -10.18 5.55 -7.36
CA LYS B 377 -9.05 6.46 -7.59
C LYS B 377 -9.08 7.63 -6.62
N ASP B 378 -10.24 8.28 -6.47
CA ASP B 378 -10.32 9.41 -5.57
C ASP B 378 -10.05 9.00 -4.12
N LEU B 379 -10.58 7.83 -3.72
CA LEU B 379 -10.31 7.31 -2.39
C LEU B 379 -8.83 7.03 -2.19
N GLU B 380 -8.17 6.49 -3.22
CA GLU B 380 -6.73 6.26 -3.17
C GLU B 380 -5.99 7.57 -2.93
N VAL B 381 -6.36 8.61 -3.68
CA VAL B 381 -5.69 9.90 -3.52
C VAL B 381 -5.87 10.42 -2.10
N ARG B 382 -7.10 10.40 -1.59
CA ARG B 382 -7.37 10.92 -0.26
C ARG B 382 -6.61 10.14 0.81
N LEU B 383 -6.64 8.80 0.72
CA LEU B 383 -5.95 7.99 1.70
C LEU B 383 -4.44 8.16 1.62
N LEU B 384 -3.89 8.38 0.42
CA LEU B 384 -2.46 8.61 0.30
C LEU B 384 -2.06 9.91 0.97
N GLU B 385 -2.84 10.98 0.73
CA GLU B 385 -2.59 12.24 1.42
C GLU B 385 -2.62 12.04 2.94
N ILE B 386 -3.66 11.36 3.43
CA ILE B 386 -3.78 11.09 4.86
C ILE B 386 -2.56 10.37 5.39
N GLN B 387 -2.17 9.29 4.71
CA GLN B 387 -1.06 8.45 5.16
C GLN B 387 0.24 9.24 5.24
N GLU B 388 0.59 9.97 4.18
CA GLU B 388 1.85 10.69 4.23
C GLU B 388 1.79 11.91 5.13
N LYS B 389 0.61 12.45 5.43
CA LYS B 389 0.54 13.49 6.47
C LYS B 389 0.89 12.92 7.83
N PHE B 390 0.26 11.80 8.19
CA PHE B 390 0.61 11.13 9.43
C PHE B 390 2.11 10.83 9.46
N CYS B 391 2.66 10.37 8.34
CA CYS B 391 4.08 10.05 8.27
C CYS B 391 4.96 11.28 8.44
N ASN B 392 4.56 12.41 7.85
CA ASN B 392 5.33 13.65 7.97
C ASN B 392 5.42 14.07 9.44
N ASP B 393 4.28 14.06 10.14
CA ASP B 393 4.32 14.45 11.54
C ASP B 393 5.13 13.45 12.35
N PHE B 394 5.00 12.15 12.05
CA PHE B 394 5.83 11.16 12.72
C PHE B 394 7.31 11.45 12.53
N THR B 395 7.70 11.88 11.34
CA THR B 395 9.10 12.20 11.07
C THR B 395 9.54 13.38 11.92
N THR B 396 8.84 14.51 11.79
CA THR B 396 9.27 15.71 12.52
C THR B 396 9.28 15.48 14.03
N ARG B 397 8.39 14.62 14.52
CA ARG B 397 8.37 14.27 15.94
C ARG B 397 9.45 13.25 16.31
N PHE B 398 10.34 12.93 15.37
CA PHE B 398 11.47 12.04 15.64
C PHE B 398 12.69 12.44 14.83
PB GDP C . 52.68 -3.44 11.96
O1B GDP C . 51.42 -3.73 12.63
O2B GDP C . 52.65 -2.00 11.70
O3B GDP C . 52.57 -4.05 10.65
O3A GDP C . 54.00 -3.92 12.82
PA GDP C . 55.53 -3.67 12.26
O1A GDP C . 55.96 -4.78 11.41
O2A GDP C . 55.60 -2.53 11.34
O5' GDP C . 56.55 -3.49 13.54
C5' GDP C . 56.44 -2.37 14.36
C4' GDP C . 57.62 -2.45 15.26
O4' GDP C . 57.31 -3.36 16.38
C3' GDP C . 58.74 -3.02 14.48
O3' GDP C . 59.89 -2.15 14.52
C2' GDP C . 59.07 -4.33 15.07
O2' GDP C . 60.49 -4.47 15.23
C1' GDP C . 58.40 -4.37 16.41
N9 GDP C . 57.92 -5.68 16.68
C8 GDP C . 58.09 -6.61 15.82
N7 GDP C . 57.55 -7.76 16.35
C5 GDP C . 57.01 -7.34 17.72
C6 GDP C . 56.30 -7.93 18.89
O6 GDP C . 55.95 -9.28 18.88
N1 GDP C . 56.01 -7.14 19.96
C2 GDP C . 56.36 -5.77 19.96
N2 GDP C . 56.02 -4.97 21.12
N3 GDP C . 57.00 -5.17 18.93
C4 GDP C . 57.35 -5.91 17.79
C1 LMR D . 54.78 -23.81 21.07
O1A LMR D . 55.99 -23.89 20.66
O1B LMR D . 54.25 -24.79 21.63
C2 LMR D . 53.92 -22.55 20.96
O2 LMR D . 52.66 -22.73 21.54
C3 LMR D . 54.74 -21.43 21.60
C4 LMR D . 53.79 -20.35 22.12
O4A LMR D . 54.23 -19.32 22.66
O4B LMR D . 52.55 -20.52 21.98
PB GDP E . -48.69 17.14 -18.35
O1B GDP E . -47.83 17.82 -19.30
O2B GDP E . -48.11 15.81 -18.17
O3B GDP E . -48.46 17.84 -17.08
O3A GDP E . -50.27 17.12 -18.79
PA GDP E . -51.13 18.51 -18.78
O1A GDP E . -52.11 18.49 -17.70
O2A GDP E . -50.28 19.64 -18.40
O5' GDP E . -51.85 18.74 -20.24
C5' GDP E . -53.20 19.08 -20.25
C4' GDP E . -53.78 18.67 -21.56
O4' GDP E . -53.54 17.22 -21.78
C3' GDP E . -55.26 18.87 -21.58
O3' GDP E . -55.56 20.12 -22.25
C2' GDP E . -55.82 17.75 -22.33
O2' GDP E . -56.08 18.16 -23.69
C1' GDP E . -54.81 16.66 -22.32
N9 GDP E . -55.25 15.58 -21.52
C8 GDP E . -55.52 15.76 -20.28
N7 GDP E . -55.92 14.54 -19.77
C5 GDP E . -55.83 13.58 -20.95
C6 GDP E . -56.06 12.14 -21.26
O6 GDP E . -56.51 11.27 -20.26
N1 GDP E . -55.84 11.68 -22.54
C2 GDP E . -55.39 12.56 -23.54
N2 GDP E . -55.17 12.04 -24.88
N3 GDP E . -55.15 13.88 -23.32
C4 GDP E . -55.36 14.44 -22.06
C1 LMR F . -62.36 -1.17 -7.44
O1A LMR F . -61.67 -0.42 -6.70
O1B LMR F . -61.85 -2.21 -7.93
C2 LMR F . -63.82 -0.81 -7.75
O2 LMR F . -64.54 -0.73 -6.55
C3 LMR F . -63.85 0.54 -8.47
C4 LMR F . -64.61 0.39 -9.78
O4A LMR F . -65.03 -0.74 -10.13
O4B LMR F . -64.81 1.40 -10.51
C1 LMR G . -60.84 -0.92 -11.32
O1A LMR G . -60.61 -2.17 -11.35
O1B LMR G . -61.90 -0.47 -10.78
C2 LMR G . -59.85 0.05 -11.96
O2 LMR G . -58.96 -0.69 -12.75
C3 LMR G . -60.71 1.02 -12.76
C4 LMR G . -59.89 1.76 -13.81
O4A LMR G . -60.48 2.59 -14.55
O4B LMR G . -58.65 1.53 -13.94
#